data_4R6U
#
_entry.id   4R6U
#
_cell.length_a   71.392
_cell.length_b   85.603
_cell.length_c   88.117
_cell.angle_alpha   90.00
_cell.angle_beta   97.60
_cell.angle_gamma   90.00
#
_symmetry.space_group_name_H-M   'P 1 21 1'
#
loop_
_entity.id
_entity.type
_entity.pdbx_description
1 polymer 'Interleukin-18 receptor 1'
2 polymer Interleukin-18
3 non-polymer 2-acetamido-2-deoxy-beta-D-glucopyranose
#
loop_
_entity_poly.entity_id
_entity_poly.type
_entity_poly.pdbx_seq_one_letter_code
_entity_poly.pdbx_strand_id
1 'polypeptide(L)'
;AESCTSRPHITVVEGEPFYLKHCSCSLAHEIETTTKSWYKSSGSQEHVELNPRSSSRIALHDCVLEFWPVELNDTGSYFF
QMKNYTQKWKLNVIRRNKHSCFTERQVTSKIVEVKKFFQITCENSYYQTLVNSTSLYKNCKKLLLENNKNPTIKKNAEFE
DQGYYSCVHFLHHNGKLFNITKTFNITIVEDRSNIVPVLLGPKLNHVAVELGKNVRLNCSALLNEEDVIYWMFGEENGSD
PNIHEEKEMRIMTPEGKWHASKVLRIENIGESNLNVLYNCTVASTGGTDTKSFILVRKADMADIPGHVFTRHHHHHH
;
C,A
2 'polypeptide(L)'
;YFGKLESKLSVIRNLNDQVLFIDQGNRPLFEDMTDSDSRDNAPRTIFIISMYKDSQPRGMAVTISVKSEKISTLSSENKI
ISFKEMNPPDNIKDTKSDIIFFQRSVPGHDNKMQFESSSYEGYFLASEKERDLFKLILKKEDELGDRSIMFTVQNED
;
B,D
#
loop_
_chem_comp.id
_chem_comp.type
_chem_comp.name
_chem_comp.formula
NAG D-saccharide, beta linking 2-acetamido-2-deoxy-beta-D-glucopyranose 'C8 H15 N O6'
#
# COMPACT_ATOMS: atom_id res chain seq x y z
N SER A 3 -12.16 -20.24 28.01
CA SER A 3 -11.79 -19.63 26.74
C SER A 3 -11.51 -20.71 25.70
N CYS A 4 -10.60 -20.41 24.77
CA CYS A 4 -10.21 -21.32 23.70
C CYS A 4 -9.26 -20.57 22.79
N THR A 5 -8.63 -21.29 21.86
CA THR A 5 -7.57 -20.68 21.08
C THR A 5 -8.02 -20.40 19.65
N SER A 6 -8.33 -19.12 19.41
CA SER A 6 -8.90 -18.68 18.14
C SER A 6 -7.97 -18.21 17.03
N ARG A 7 -6.69 -17.99 17.31
CA ARG A 7 -5.81 -17.39 16.30
C ARG A 7 -5.10 -18.43 15.40
N PRO A 8 -4.89 -18.09 14.13
CA PRO A 8 -4.32 -19.02 13.15
C PRO A 8 -2.89 -19.45 13.42
N HIS A 9 -2.10 -18.62 14.06
CA HIS A 9 -0.70 -18.92 14.18
C HIS A 9 -0.31 -18.79 15.62
N ILE A 10 0.58 -19.67 16.06
CA ILE A 10 0.98 -19.66 17.47
C ILE A 10 2.43 -20.10 17.72
N THR A 11 3.14 -19.33 18.55
CA THR A 11 4.56 -19.55 18.88
C THR A 11 4.71 -19.90 20.35
N VAL A 12 5.20 -21.10 20.69
CA VAL A 12 5.52 -21.37 22.10
C VAL A 12 6.89 -21.97 22.32
N VAL A 13 7.40 -21.82 23.54
CA VAL A 13 8.75 -22.25 23.93
C VAL A 13 8.82 -23.72 24.31
N GLU A 14 9.86 -24.39 23.80
CA GLU A 14 10.19 -25.76 24.14
C GLU A 14 10.28 -26.01 25.64
N GLY A 15 9.76 -27.17 26.05
CA GLY A 15 9.94 -27.71 27.39
C GLY A 15 8.79 -27.42 28.34
N GLU A 16 7.76 -26.77 27.83
CA GLU A 16 6.73 -26.19 28.67
C GLU A 16 5.35 -26.84 28.36
N PRO A 17 4.52 -27.07 29.38
CA PRO A 17 3.22 -27.70 29.09
C PRO A 17 2.41 -26.84 28.15
N PHE A 18 1.57 -27.43 27.29
CA PHE A 18 0.86 -26.63 26.31
C PHE A 18 -0.41 -27.29 25.80
N TYR A 19 -1.41 -26.48 25.47
CA TYR A 19 -2.67 -27.02 24.99
C TYR A 19 -3.31 -26.26 23.83
N LEU A 20 -4.21 -26.94 23.13
CA LEU A 20 -4.81 -26.40 21.96
C LEU A 20 -6.31 -26.68 22.07
N LYS A 21 -7.13 -25.63 22.09
CA LYS A 21 -8.53 -25.78 22.45
C LYS A 21 -9.42 -25.16 21.40
N HIS A 22 -10.33 -25.96 20.87
CA HIS A 22 -10.86 -25.66 19.55
C HIS A 22 -12.09 -24.78 19.48
N CYS A 23 -12.46 -24.13 20.57
CA CYS A 23 -13.46 -23.06 20.46
C CYS A 23 -14.84 -23.45 19.99
N SER A 24 -15.22 -24.74 20.11
CA SER A 24 -16.61 -25.08 19.85
C SER A 24 -17.47 -25.67 21.00
N CYS A 25 -16.97 -25.71 22.23
CA CYS A 25 -17.56 -26.62 23.23
C CYS A 25 -18.85 -26.15 23.98
N THR A 33 -20.64 -38.34 23.90
CA THR A 33 -19.88 -39.39 23.22
C THR A 33 -19.92 -39.15 21.72
N THR A 34 -19.14 -38.16 21.27
CA THR A 34 -19.23 -37.70 19.88
C THR A 34 -17.88 -37.89 19.15
N THR A 35 -17.90 -37.84 17.81
CA THR A 35 -16.67 -38.20 17.09
C THR A 35 -15.76 -37.01 16.90
N LYS A 36 -14.57 -37.13 17.50
CA LYS A 36 -13.52 -36.13 17.37
C LYS A 36 -12.35 -36.68 16.61
N SER A 37 -11.65 -35.80 15.91
CA SER A 37 -10.45 -36.20 15.21
C SER A 37 -9.37 -35.09 15.16
N TRP A 38 -8.19 -35.36 15.71
CA TRP A 38 -7.05 -34.45 15.57
C TRP A 38 -6.04 -34.98 14.55
N TYR A 39 -5.42 -34.09 13.79
CA TYR A 39 -4.48 -34.49 12.73
C TYR A 39 -3.26 -33.57 12.77
N LYS A 40 -2.11 -34.10 12.35
CA LYS A 40 -0.88 -33.31 12.28
C LYS A 40 -0.25 -33.32 10.89
N SER A 41 0.15 -32.14 10.41
CA SER A 41 1.03 -32.04 9.24
C SER A 41 2.43 -31.55 9.66
N SER A 42 3.43 -32.10 8.99
CA SER A 42 4.85 -31.82 9.22
C SER A 42 5.44 -31.73 7.80
N GLY A 43 6.72 -32.05 7.59
CA GLY A 43 7.17 -32.00 6.22
C GLY A 43 6.53 -33.06 5.34
N SER A 44 6.84 -34.32 5.57
CA SER A 44 6.33 -35.36 4.67
C SER A 44 5.12 -36.09 5.26
N GLN A 45 4.41 -35.44 6.16
CA GLN A 45 3.29 -36.13 6.73
C GLN A 45 2.00 -35.35 6.44
N GLU A 46 1.19 -35.91 5.53
CA GLU A 46 0.01 -35.25 4.99
C GLU A 46 -0.96 -34.90 6.11
N HIS A 47 -1.66 -35.88 6.65
CA HIS A 47 -2.52 -35.60 7.78
C HIS A 47 -2.35 -36.83 8.61
N VAL A 48 -1.47 -36.77 9.60
CA VAL A 48 -1.29 -37.96 10.39
C VAL A 48 -2.31 -37.76 11.49
N GLU A 49 -3.34 -38.62 11.47
CA GLU A 49 -4.34 -38.59 12.49
C GLU A 49 -3.64 -38.84 13.82
N LEU A 50 -3.84 -37.96 14.79
CA LEU A 50 -3.23 -38.15 16.11
C LEU A 50 -3.99 -39.14 16.95
N ASN A 51 -3.33 -40.20 17.42
CA ASN A 51 -4.04 -41.12 18.33
C ASN A 51 -3.20 -41.44 19.52
N PRO A 52 -2.64 -40.43 20.19
CA PRO A 52 -1.61 -40.85 21.16
C PRO A 52 -2.12 -41.71 22.33
N ARG A 53 -1.33 -42.76 22.48
CA ARG A 53 -1.49 -43.85 23.41
C ARG A 53 -1.84 -43.41 24.84
N ARG A 57 3.45 -38.13 25.52
CA ARG A 57 3.32 -36.85 26.20
C ARG A 57 2.12 -36.07 25.69
N ILE A 58 1.33 -36.69 24.82
CA ILE A 58 0.20 -35.98 24.24
C ILE A 58 -1.09 -36.66 24.70
N ALA A 59 -2.05 -35.83 25.09
CA ALA A 59 -3.33 -36.29 25.61
C ALA A 59 -4.52 -35.68 24.86
N LEU A 60 -5.45 -36.51 24.38
CA LEU A 60 -6.67 -36.02 23.71
C LEU A 60 -7.89 -36.27 24.56
N HIS A 61 -8.48 -35.23 25.12
CA HIS A 61 -9.73 -35.44 25.83
C HIS A 61 -10.62 -34.22 25.78
N ASP A 62 -11.93 -34.44 25.89
CA ASP A 62 -12.94 -33.39 26.05
C ASP A 62 -12.57 -32.13 25.25
N CYS A 63 -12.43 -32.28 23.93
CA CYS A 63 -12.33 -31.15 22.98
C CYS A 63 -11.09 -30.21 23.17
N VAL A 64 -9.93 -30.81 23.45
CA VAL A 64 -8.65 -30.12 23.61
C VAL A 64 -7.46 -31.07 23.31
N LEU A 65 -6.30 -30.50 22.98
CA LEU A 65 -5.12 -31.30 22.64
C LEU A 65 -3.96 -30.89 23.53
N GLU A 66 -3.49 -31.77 24.38
CA GLU A 66 -2.51 -31.36 25.37
C GLU A 66 -1.12 -31.86 25.03
N PHE A 67 -0.13 -31.04 25.36
CA PHE A 67 1.27 -31.44 25.23
C PHE A 67 1.90 -31.48 26.61
N TRP A 68 2.72 -32.51 26.88
CA TRP A 68 3.20 -32.74 28.24
C TRP A 68 4.64 -33.19 28.30
N PRO A 69 5.60 -32.27 28.05
CA PRO A 69 5.40 -30.89 27.58
C PRO A 69 5.46 -30.83 26.06
N VAL A 70 5.43 -29.62 25.49
CA VAL A 70 5.61 -29.44 24.04
C VAL A 70 7.10 -29.46 23.67
N GLU A 71 7.39 -29.78 22.43
CA GLU A 71 8.74 -30.06 22.03
C GLU A 71 8.96 -29.58 20.62
N LEU A 72 10.20 -29.65 20.15
CA LEU A 72 10.50 -29.17 18.81
C LEU A 72 9.91 -30.15 17.80
N ASN A 73 9.86 -31.42 18.20
CA ASN A 73 9.09 -32.47 17.50
C ASN A 73 7.75 -31.95 16.95
N ASP A 74 7.11 -31.10 17.74
CA ASP A 74 5.74 -30.67 17.54
C ASP A 74 5.47 -29.47 16.65
N THR A 75 6.50 -28.81 16.11
CA THR A 75 6.16 -27.67 15.28
C THR A 75 5.53 -28.25 14.01
N GLY A 76 4.52 -27.55 13.51
CA GLY A 76 3.81 -28.01 12.34
C GLY A 76 2.38 -27.51 12.46
N SER A 77 1.60 -27.77 11.44
CA SER A 77 0.22 -27.34 11.47
C SER A 77 -0.70 -28.47 12.01
N TYR A 78 -1.77 -28.06 12.69
CA TYR A 78 -2.69 -28.99 13.34
C TYR A 78 -4.12 -28.74 12.85
N PHE A 79 -4.94 -29.79 12.76
CA PHE A 79 -6.31 -29.69 12.26
C PHE A 79 -7.29 -30.43 13.15
N PHE A 80 -8.43 -29.81 13.41
CA PHE A 80 -9.47 -30.45 14.17
C PHE A 80 -10.75 -30.58 13.35
N GLN A 81 -11.46 -31.71 13.51
CA GLN A 81 -12.79 -31.85 12.90
C GLN A 81 -13.82 -32.49 13.84
N MET A 82 -14.96 -31.81 13.99
CA MET A 82 -16.13 -32.34 14.65
C MET A 82 -17.25 -32.15 13.62
N LYS A 83 -17.56 -33.20 12.87
CA LYS A 83 -18.60 -33.14 11.83
C LYS A 83 -18.58 -31.76 11.09
N ASN A 84 -19.60 -30.91 11.31
CA ASN A 84 -19.76 -29.60 10.66
C ASN A 84 -18.67 -28.57 11.03
N TYR A 85 -17.75 -28.93 11.95
CA TYR A 85 -16.71 -27.98 12.39
C TYR A 85 -15.27 -28.39 12.02
N THR A 86 -14.47 -27.39 11.63
CA THR A 86 -13.08 -27.58 11.25
C THR A 86 -12.18 -26.44 11.72
N GLN A 87 -10.92 -26.72 12.05
CA GLN A 87 -10.03 -25.65 12.50
C GLN A 87 -8.56 -25.90 12.22
N LYS A 88 -7.80 -24.83 12.10
CA LYS A 88 -6.44 -24.95 11.63
C LYS A 88 -5.47 -24.12 12.51
N TRP A 89 -4.33 -24.69 12.85
CA TRP A 89 -3.34 -23.92 13.58
C TRP A 89 -1.93 -24.16 13.07
N LYS A 90 -1.19 -23.09 12.85
CA LYS A 90 0.22 -23.26 12.65
C LYS A 90 0.86 -23.11 14.00
N LEU A 91 1.59 -24.14 14.35
CA LEU A 91 2.27 -24.23 15.63
C LEU A 91 3.75 -24.15 15.38
N ASN A 92 4.34 -23.11 15.93
CA ASN A 92 5.76 -22.95 15.81
C ASN A 92 6.42 -23.06 17.18
N VAL A 93 7.15 -24.14 17.42
CA VAL A 93 7.85 -24.30 18.69
C VAL A 93 9.25 -23.72 18.61
N ILE A 94 9.61 -22.95 19.64
CA ILE A 94 10.93 -22.33 19.65
C ILE A 94 11.84 -22.84 20.76
N ARG A 95 13.15 -22.73 20.51
CA ARG A 95 14.18 -23.07 21.48
C ARG A 95 14.08 -22.24 22.75
N ARG A 96 14.23 -22.88 23.88
CA ARG A 96 14.20 -22.18 25.15
C ARG A 96 15.58 -21.76 25.59
N ASN A 97 15.68 -20.50 26.01
CA ASN A 97 16.87 -20.04 26.71
C ASN A 97 17.00 -20.81 28.01
N LYS A 98 18.02 -21.67 28.02
CA LYS A 98 18.24 -22.60 29.11
C LYS A 98 19.08 -21.98 30.21
N HIS A 99 19.72 -20.86 29.92
CA HIS A 99 20.52 -20.20 30.93
C HIS A 99 19.71 -19.19 31.74
N SER A 100 18.53 -18.86 31.24
CA SER A 100 17.73 -17.89 31.94
C SER A 100 16.33 -18.39 32.29
N CYS A 101 15.60 -17.57 33.04
CA CYS A 101 14.26 -17.92 33.47
C CYS A 101 13.19 -17.71 32.37
N PHE A 102 13.46 -16.80 31.42
CA PHE A 102 12.56 -16.63 30.27
C PHE A 102 13.32 -16.57 28.96
N THR A 103 12.60 -16.64 27.84
CA THR A 103 13.24 -16.62 26.54
C THR A 103 12.61 -15.49 25.74
N GLU A 104 13.44 -14.67 25.11
CA GLU A 104 13.05 -13.35 24.63
C GLU A 104 11.89 -13.28 23.64
N ARG A 105 11.65 -14.34 22.86
CA ARG A 105 10.54 -14.32 21.91
C ARG A 105 9.22 -14.41 22.67
N GLN A 106 9.20 -15.08 23.82
CA GLN A 106 7.94 -15.38 24.53
C GLN A 106 7.44 -14.28 25.43
N VAL A 107 7.81 -13.05 25.13
CA VAL A 107 7.61 -11.95 26.03
C VAL A 107 6.44 -11.15 25.50
N THR A 108 5.66 -10.56 26.39
CA THR A 108 4.50 -9.73 26.08
C THR A 108 4.77 -8.33 26.57
N SER A 109 4.73 -7.31 25.69
CA SER A 109 5.09 -5.94 26.08
C SER A 109 3.96 -5.20 26.80
N LYS A 110 4.33 -4.24 27.65
CA LYS A 110 3.37 -3.39 28.32
C LYS A 110 3.87 -1.96 28.50
N ILE A 111 3.01 -1.00 28.24
CA ILE A 111 3.39 0.40 28.38
C ILE A 111 2.60 1.01 29.54
N VAL A 112 3.30 1.57 30.51
CA VAL A 112 2.68 2.12 31.71
C VAL A 112 3.29 3.50 32.00
N GLU A 113 2.44 4.54 32.09
CA GLU A 113 2.85 5.92 32.21
C GLU A 113 3.43 6.20 33.59
N VAL A 114 4.37 7.16 33.68
CA VAL A 114 5.22 7.27 34.87
C VAL A 114 4.47 7.33 36.21
N LYS A 115 3.69 8.38 36.44
CA LYS A 115 3.12 8.41 37.78
C LYS A 115 1.70 7.95 37.62
N LYS A 116 1.49 6.63 37.61
CA LYS A 116 0.16 6.09 37.27
C LYS A 116 -0.09 4.63 37.66
N PHE A 117 -1.37 4.23 37.65
CA PHE A 117 -1.74 2.89 38.09
C PHE A 117 -1.11 1.74 37.30
N PHE A 118 -0.49 0.84 38.05
CA PHE A 118 0.33 -0.18 37.45
C PHE A 118 0.16 -1.51 38.20
N GLN A 119 -0.32 -2.53 37.51
CA GLN A 119 -0.42 -3.82 38.17
C GLN A 119 0.12 -4.95 37.33
N ILE A 120 0.57 -6.01 38.01
CA ILE A 120 1.01 -7.22 37.34
C ILE A 120 0.48 -8.34 38.20
N THR A 121 -0.19 -9.29 37.57
CA THR A 121 -0.77 -10.36 38.36
C THR A 121 -0.68 -11.75 37.69
N CYS A 122 -0.10 -12.70 38.42
CA CYS A 122 0.08 -14.06 37.94
C CYS A 122 -1.18 -14.90 38.09
N GLU A 123 -1.69 -15.37 36.96
CA GLU A 123 -2.95 -16.12 36.94
C GLU A 123 -2.93 -17.11 35.78
N ASN A 124 -3.74 -18.16 35.87
CA ASN A 124 -3.94 -19.03 34.71
C ASN A 124 -5.32 -19.65 34.80
N SER A 125 -6.29 -19.26 33.99
CA SER A 125 -7.49 -20.04 34.15
C SER A 125 -7.51 -21.17 33.13
N TYR A 126 -6.66 -22.16 33.39
CA TYR A 126 -6.70 -23.47 32.74
C TYR A 126 -6.07 -24.53 33.62
N TYR A 127 -4.78 -24.29 33.89
CA TYR A 127 -3.87 -25.17 34.67
C TYR A 127 -3.87 -24.87 36.16
N GLN A 128 -4.80 -24.06 36.63
CA GLN A 128 -4.76 -23.55 37.99
C GLN A 128 -4.89 -24.62 39.07
N THR A 129 -5.62 -25.69 38.78
CA THR A 129 -5.87 -26.73 39.77
C THR A 129 -4.66 -27.65 39.96
N LEU A 130 -3.70 -27.54 39.04
CA LEU A 130 -2.49 -28.34 39.12
C LEU A 130 -1.35 -27.57 39.76
N VAL A 131 -1.53 -26.26 39.91
CA VAL A 131 -0.44 -25.43 40.42
C VAL A 131 -0.08 -25.69 41.89
N ASN A 132 1.20 -25.88 42.16
CA ASN A 132 1.58 -26.10 43.55
C ASN A 132 2.33 -24.90 44.12
N SER A 133 2.91 -24.13 43.21
CA SER A 133 3.76 -23.03 43.60
C SER A 133 3.87 -22.08 42.42
N THR A 134 3.93 -20.79 42.72
CA THR A 134 3.99 -19.79 41.67
C THR A 134 4.86 -18.62 42.11
N SER A 135 6.04 -18.46 41.50
CA SER A 135 6.95 -17.40 41.90
C SER A 135 7.10 -16.33 40.80
N LEU A 136 7.30 -15.11 41.26
CA LEU A 136 7.41 -13.94 40.40
C LEU A 136 8.87 -13.46 40.38
N TYR A 137 9.40 -13.24 39.17
CA TYR A 137 10.76 -12.76 39.01
C TYR A 137 10.81 -11.37 38.40
N LYS A 138 11.78 -10.58 38.82
CA LYS A 138 12.09 -9.33 38.15
C LYS A 138 13.50 -9.47 37.57
N ASN A 139 13.62 -9.30 36.26
CA ASN A 139 14.83 -9.58 35.51
C ASN A 139 15.51 -10.85 36.01
N CYS A 140 14.68 -11.87 36.24
CA CYS A 140 15.07 -13.19 36.73
C CYS A 140 15.39 -13.30 38.22
N LYS A 141 15.21 -12.23 38.97
CA LYS A 141 15.37 -12.31 40.42
C LYS A 141 14.04 -12.43 41.18
N LYS A 142 13.94 -13.47 42.01
CA LYS A 142 12.70 -13.80 42.72
C LYS A 142 12.25 -12.66 43.64
N LEU A 143 10.95 -12.67 43.96
CA LEU A 143 10.30 -11.54 44.62
C LEU A 143 9.39 -12.05 45.73
N PRO A 151 -0.20 -14.05 43.73
CA PRO A 151 1.12 -13.40 43.70
C PRO A 151 1.12 -12.18 42.77
N THR A 152 1.43 -10.99 43.30
CA THR A 152 1.11 -9.76 42.58
C THR A 152 2.17 -8.66 42.79
N ILE A 153 2.15 -7.64 41.93
CA ILE A 153 2.83 -6.39 42.21
C ILE A 153 1.79 -5.33 41.97
N LYS A 154 1.40 -4.66 43.04
CA LYS A 154 0.48 -3.54 42.94
C LYS A 154 1.29 -2.29 43.25
N LYS A 155 1.17 -1.27 42.39
CA LYS A 155 2.09 -0.12 42.46
C LYS A 155 1.76 1.01 41.48
N ASN A 156 2.18 2.22 41.85
CA ASN A 156 2.26 3.33 40.92
C ASN A 156 3.66 3.31 40.34
N ALA A 157 3.76 3.59 39.05
CA ALA A 157 4.98 3.35 38.29
C ALA A 157 6.19 4.24 38.66
N GLU A 158 7.37 3.63 38.66
CA GLU A 158 8.64 4.32 38.71
C GLU A 158 9.37 3.99 37.43
N PHE A 159 10.24 4.87 36.96
CA PHE A 159 11.05 4.60 35.78
C PHE A 159 11.78 3.25 35.89
N GLU A 160 12.23 2.95 37.10
CA GLU A 160 13.01 1.75 37.33
C GLU A 160 12.22 0.49 37.55
N ASP A 161 10.90 0.61 37.40
CA ASP A 161 10.04 -0.55 37.24
C ASP A 161 10.14 -1.09 35.82
N GLN A 162 10.85 -0.40 34.94
CA GLN A 162 11.14 -0.99 33.64
C GLN A 162 11.88 -2.29 33.85
N GLY A 163 11.40 -3.34 33.20
CA GLY A 163 12.07 -4.61 33.26
C GLY A 163 11.17 -5.71 32.77
N TYR A 164 11.71 -6.91 32.81
CA TYR A 164 10.99 -8.10 32.48
C TYR A 164 10.49 -8.72 33.76
N TYR A 165 9.18 -8.82 33.89
CA TYR A 165 8.62 -9.51 35.04
C TYR A 165 8.20 -10.89 34.56
N SER A 166 8.68 -11.93 35.20
CA SER A 166 8.33 -13.26 34.75
C SER A 166 7.50 -13.91 35.80
N CYS A 167 6.34 -14.40 35.36
CA CYS A 167 5.49 -15.20 36.20
C CYS A 167 5.83 -16.66 35.98
N VAL A 168 6.09 -17.41 37.04
CA VAL A 168 6.33 -18.83 36.85
C VAL A 168 5.34 -19.70 37.66
N HIS A 169 4.93 -20.83 37.08
CA HIS A 169 3.99 -21.73 37.73
C HIS A 169 4.53 -23.15 37.78
N PHE A 170 4.63 -23.71 38.98
CA PHE A 170 5.19 -25.06 39.14
C PHE A 170 4.09 -26.11 39.31
N LEU A 171 4.12 -27.15 38.48
CA LEU A 171 2.95 -28.01 38.32
C LEU A 171 3.18 -29.49 38.66
N HIS A 172 2.13 -30.10 39.23
CA HIS A 172 2.16 -31.55 39.43
C HIS A 172 1.52 -32.24 38.22
N HIS A 173 2.28 -33.10 37.54
CA HIS A 173 1.72 -33.99 36.52
C HIS A 173 2.42 -35.37 36.50
N ASN A 174 1.71 -36.36 37.08
CA ASN A 174 1.99 -37.80 36.93
C ASN A 174 3.49 -38.10 36.85
N GLY A 175 4.12 -37.85 38.00
CA GLY A 175 5.49 -38.16 38.37
C GLY A 175 6.58 -37.10 38.34
N LYS A 176 6.52 -36.12 37.43
CA LYS A 176 7.57 -35.10 37.51
C LYS A 176 7.03 -33.66 37.35
N LEU A 177 7.96 -32.72 37.49
CA LEU A 177 7.66 -31.29 37.60
C LEU A 177 7.64 -30.61 36.24
N PHE A 178 6.66 -29.75 36.04
CA PHE A 178 6.61 -28.88 34.88
C PHE A 178 6.59 -27.44 35.33
N ASN A 179 7.18 -26.53 34.56
CA ASN A 179 6.83 -25.12 34.76
C ASN A 179 6.23 -24.41 33.53
N ILE A 180 5.31 -23.51 33.83
CA ILE A 180 4.78 -22.62 32.82
C ILE A 180 5.16 -21.17 33.14
N THR A 181 5.79 -20.49 32.16
CA THR A 181 6.28 -19.13 32.42
C THR A 181 5.90 -18.08 31.37
N LYS A 182 5.24 -17.04 31.86
CA LYS A 182 4.87 -15.87 31.10
C LYS A 182 5.65 -14.61 31.52
N THR A 183 6.05 -13.83 30.53
CA THR A 183 6.89 -12.70 30.85
C THR A 183 6.32 -11.41 30.27
N PHE A 184 6.40 -10.34 31.06
CA PHE A 184 6.01 -9.00 30.63
C PHE A 184 7.26 -8.10 30.55
N ASN A 185 7.47 -7.48 29.38
CA ASN A 185 8.46 -6.41 29.15
C ASN A 185 7.72 -5.13 29.46
N ILE A 186 7.99 -4.54 30.62
CA ILE A 186 7.27 -3.31 30.97
C ILE A 186 8.10 -2.12 30.54
N THR A 187 7.51 -1.24 29.79
CA THR A 187 8.17 0.02 29.49
C THR A 187 7.41 1.11 30.24
N ILE A 188 8.17 1.93 30.93
CA ILE A 188 7.64 3.10 31.60
C ILE A 188 7.77 4.28 30.65
N VAL A 189 6.66 4.93 30.36
CA VAL A 189 6.67 5.95 29.32
C VAL A 189 6.46 7.33 29.94
N GLU A 190 7.10 8.35 29.37
CA GLU A 190 6.83 9.73 29.76
C GLU A 190 5.46 10.11 29.21
N ASP A 191 4.74 10.96 29.92
CA ASP A 191 3.46 11.41 29.40
C ASP A 191 3.61 12.62 28.50
N ARG A 192 2.88 12.60 27.39
CA ARG A 192 2.86 13.73 26.50
C ARG A 192 2.23 14.92 27.23
N SER A 193 2.43 16.11 26.67
CA SER A 193 1.93 17.36 27.23
C SER A 193 0.65 17.73 26.53
N ASN A 194 -0.07 16.73 26.04
CA ASN A 194 -1.13 16.92 25.05
C ASN A 194 -2.10 18.07 25.26
N ILE A 195 -2.35 18.74 24.14
CA ILE A 195 -3.04 20.00 24.06
C ILE A 195 -4.43 19.85 23.40
N VAL A 196 -5.48 20.47 23.94
CA VAL A 196 -6.73 20.52 23.17
C VAL A 196 -6.52 21.49 22.02
N PRO A 197 -6.58 21.00 20.78
CA PRO A 197 -6.26 21.92 19.70
C PRO A 197 -7.20 23.12 19.65
N VAL A 198 -6.65 24.27 19.36
CA VAL A 198 -7.44 25.47 19.26
C VAL A 198 -7.15 26.09 17.93
N LEU A 199 -8.14 26.74 17.33
CA LEU A 199 -7.84 27.64 16.23
C LEU A 199 -7.53 29.06 16.70
N LEU A 200 -6.63 29.73 16.03
CA LEU A 200 -6.34 31.10 16.45
C LEU A 200 -7.18 32.07 15.60
N GLY A 201 -7.81 33.04 16.26
CA GLY A 201 -8.58 34.07 15.57
C GLY A 201 -10.10 33.96 15.70
N PRO A 202 -10.85 34.88 15.07
CA PRO A 202 -12.32 34.89 15.07
C PRO A 202 -12.92 33.63 14.48
N LYS A 203 -14.11 33.26 14.89
CA LYS A 203 -14.65 31.99 14.42
C LYS A 203 -15.35 32.17 13.08
N LEU A 204 -16.06 33.29 12.93
CA LEU A 204 -16.58 33.73 11.63
C LEU A 204 -15.67 34.81 11.06
N ASN A 205 -15.47 34.80 9.74
CA ASN A 205 -14.56 35.75 9.10
C ASN A 205 -15.04 36.25 7.74
N HIS A 206 -14.95 37.56 7.54
CA HIS A 206 -15.34 38.13 6.28
C HIS A 206 -14.12 38.66 5.56
N VAL A 207 -13.96 38.25 4.31
CA VAL A 207 -12.75 38.62 3.59
C VAL A 207 -13.11 39.30 2.31
N ALA A 208 -12.38 40.38 2.03
CA ALA A 208 -12.71 41.23 0.92
C ALA A 208 -11.93 40.85 -0.32
N VAL A 209 -12.59 40.79 -1.47
CA VAL A 209 -11.88 40.63 -2.75
C VAL A 209 -12.65 40.97 -4.02
N GLU A 210 -11.89 40.95 -5.11
CA GLU A 210 -12.32 41.45 -6.41
C GLU A 210 -12.44 40.29 -7.38
N LEU A 211 -13.47 40.34 -8.21
CA LEU A 211 -13.83 39.20 -9.04
C LEU A 211 -12.73 38.69 -10.00
N GLY A 212 -11.98 39.58 -10.65
CA GLY A 212 -10.98 39.08 -11.58
C GLY A 212 -9.96 38.18 -10.90
N LYS A 213 -9.76 38.44 -9.61
CA LYS A 213 -8.54 38.05 -8.91
C LYS A 213 -8.66 36.97 -7.83
N ASN A 214 -7.58 36.85 -7.05
CA ASN A 214 -7.36 35.70 -6.18
C ASN A 214 -7.34 36.02 -4.67
N VAL A 215 -7.62 35.03 -3.83
CA VAL A 215 -7.49 35.19 -2.37
C VAL A 215 -6.67 34.05 -1.83
N ARG A 216 -5.96 34.35 -0.75
CA ARG A 216 -5.23 33.37 0.00
C ARG A 216 -5.63 33.47 1.46
N LEU A 217 -6.32 32.42 1.90
CA LEU A 217 -6.82 32.33 3.25
C LEU A 217 -5.82 31.56 4.11
N ASN A 218 -5.39 32.17 5.21
CA ASN A 218 -4.48 31.49 6.10
C ASN A 218 -5.26 31.03 7.32
N CYS A 219 -5.01 29.81 7.72
CA CYS A 219 -5.66 29.27 8.90
C CYS A 219 -4.59 28.76 9.84
N SER A 220 -4.74 29.00 11.14
CA SER A 220 -3.62 28.80 12.01
C SER A 220 -4.08 28.15 13.31
N ALA A 221 -3.31 27.22 13.85
CA ALA A 221 -3.77 26.51 15.05
C ALA A 221 -2.67 25.98 15.96
N LEU A 222 -2.99 25.92 17.24
CA LEU A 222 -2.16 25.21 18.19
C LEU A 222 -2.61 23.76 18.29
N LEU A 223 -1.72 22.82 17.97
CA LEU A 223 -2.06 21.39 17.93
C LEU A 223 -0.89 20.47 18.30
N ASN A 224 -1.18 19.18 18.36
CA ASN A 224 -0.25 18.11 18.70
C ASN A 224 0.36 17.48 17.47
N GLU A 225 1.55 16.92 17.64
CA GLU A 225 2.22 16.17 16.61
C GLU A 225 1.25 15.38 15.73
N GLU A 226 0.45 14.51 16.34
CA GLU A 226 -0.52 13.65 15.65
C GLU A 226 -1.71 14.37 15.00
N ASP A 227 -1.97 15.61 15.40
CA ASP A 227 -3.14 16.37 14.97
C ASP A 227 -3.05 16.79 13.52
N VAL A 228 -4.19 17.21 12.99
CA VAL A 228 -4.35 17.36 11.56
C VAL A 228 -5.09 18.68 11.27
N ILE A 229 -4.66 19.42 10.26
CA ILE A 229 -5.35 20.67 9.93
C ILE A 229 -5.71 20.70 8.45
N TYR A 230 -6.99 20.91 8.16
CA TYR A 230 -7.43 20.84 6.78
C TYR A 230 -8.49 21.86 6.39
N TRP A 231 -8.67 22.07 5.08
CA TRP A 231 -9.72 22.95 4.59
C TRP A 231 -10.95 22.19 4.05
N MET A 232 -12.11 22.84 4.11
CA MET A 232 -13.34 22.23 3.57
C MET A 232 -14.08 23.21 2.67
N PHE A 233 -14.11 22.86 1.41
CA PHE A 233 -14.77 23.59 0.34
C PHE A 233 -15.72 22.57 -0.26
N GLY A 234 -16.21 22.78 -1.46
CA GLY A 234 -17.04 21.74 -2.08
C GLY A 234 -16.18 20.70 -2.77
N GLU A 235 -16.56 19.43 -2.65
CA GLU A 235 -15.84 18.32 -3.31
C GLU A 235 -16.83 17.15 -3.51
N ASN A 242 -9.77 23.10 -9.08
CA ASN A 242 -8.77 23.59 -10.04
C ASN A 242 -8.47 25.04 -9.80
N ILE A 243 -9.54 25.79 -9.57
CA ILE A 243 -9.46 27.18 -9.11
C ILE A 243 -9.20 27.17 -7.59
N HIS A 244 -8.92 25.98 -7.03
CA HIS A 244 -8.46 25.90 -5.64
C HIS A 244 -7.14 25.12 -5.46
N GLU A 245 -6.42 25.44 -4.38
CA GLU A 245 -5.17 24.74 -3.98
C GLU A 245 -4.87 25.00 -2.49
N GLU A 246 -3.86 24.28 -1.95
CA GLU A 246 -3.48 24.26 -0.51
C GLU A 246 -1.92 24.31 -0.27
N LYS A 247 -1.44 24.29 1.00
CA LYS A 247 -0.12 23.69 1.45
C LYS A 247 0.31 24.02 2.94
N GLU A 248 1.09 23.17 3.64
CA GLU A 248 1.16 23.30 5.10
C GLU A 248 2.54 23.60 5.73
N MET A 249 2.54 24.22 6.93
CA MET A 249 3.74 24.70 7.64
C MET A 249 3.62 24.52 9.15
N ARG A 250 4.71 24.14 9.80
CA ARG A 250 4.68 23.87 11.24
C ARG A 250 5.90 24.38 11.95
N ILE A 251 5.68 25.23 12.93
CA ILE A 251 6.75 25.90 13.66
C ILE A 251 6.47 25.75 15.15
N MET A 252 7.50 25.62 15.98
CA MET A 252 7.30 25.45 17.42
C MET A 252 7.26 26.79 18.19
N THR A 253 6.35 26.91 19.15
CA THR A 253 6.23 28.16 19.88
C THR A 253 7.25 28.21 21.01
N PRO A 254 7.50 29.40 21.58
CA PRO A 254 8.49 29.38 22.67
C PRO A 254 8.01 28.64 23.93
N GLU A 255 6.73 28.27 24.01
CA GLU A 255 6.22 27.46 25.12
C GLU A 255 6.12 25.96 24.78
N GLY A 256 6.77 25.57 23.68
CA GLY A 256 6.96 24.17 23.34
C GLY A 256 5.86 23.52 22.53
N LYS A 257 4.80 24.28 22.27
CA LYS A 257 3.65 23.81 21.52
C LYS A 257 3.89 23.88 20.00
N TRP A 258 3.17 23.05 19.23
CA TRP A 258 3.25 23.09 17.78
C TRP A 258 2.30 24.07 17.18
N HIS A 259 2.85 25.02 16.45
CA HIS A 259 2.06 25.99 15.73
C HIS A 259 2.00 25.56 14.27
N ALA A 260 0.79 25.31 13.78
CA ALA A 260 0.58 24.84 12.42
C ALA A 260 -0.28 25.83 11.65
N SER A 261 0.00 26.04 10.37
CA SER A 261 -0.88 26.86 9.54
C SER A 261 -0.97 26.29 8.13
N LYS A 262 -2.04 26.63 7.41
CA LYS A 262 -2.29 26.10 6.07
C LYS A 262 -3.04 27.13 5.24
N VAL A 263 -2.59 27.35 4.01
CA VAL A 263 -3.19 28.34 3.12
C VAL A 263 -4.02 27.72 2.01
N LEU A 264 -5.22 28.26 1.84
CA LEU A 264 -6.11 27.85 0.78
C LEU A 264 -6.20 28.95 -0.26
N ARG A 265 -5.74 28.65 -1.48
CA ARG A 265 -5.78 29.63 -2.56
C ARG A 265 -6.93 29.42 -3.53
N ILE A 266 -7.66 30.51 -3.81
CA ILE A 266 -8.74 30.51 -4.78
C ILE A 266 -8.44 31.52 -5.87
N GLU A 267 -8.25 31.03 -7.10
CA GLU A 267 -7.70 31.91 -8.14
C GLU A 267 -8.68 32.87 -8.87
N ASN A 268 -9.44 32.41 -9.86
CA ASN A 268 -10.21 33.43 -10.59
C ASN A 268 -11.63 33.45 -10.01
N ILE A 269 -11.80 34.28 -8.98
CA ILE A 269 -13.05 34.35 -8.23
C ILE A 269 -14.21 34.66 -9.13
N GLY A 270 -15.26 33.86 -9.07
CA GLY A 270 -16.48 34.22 -9.73
C GLY A 270 -17.42 34.54 -8.61
N GLU A 271 -18.70 34.70 -8.92
CA GLU A 271 -19.67 34.81 -7.85
C GLU A 271 -19.99 33.44 -7.25
N SER A 272 -19.62 32.39 -7.96
CA SER A 272 -19.80 31.05 -7.44
C SER A 272 -19.03 30.94 -6.14
N ASN A 273 -17.92 31.70 -6.04
CA ASN A 273 -17.05 31.70 -4.86
C ASN A 273 -17.53 32.66 -3.74
N LEU A 274 -18.77 33.14 -3.81
CA LEU A 274 -19.13 34.33 -3.05
C LEU A 274 -19.84 34.10 -1.72
N ASN A 275 -21.02 33.49 -1.68
CA ASN A 275 -21.55 33.27 -0.34
C ASN A 275 -21.57 31.78 -0.08
N VAL A 276 -20.41 31.29 0.29
CA VAL A 276 -20.22 29.91 0.63
C VAL A 276 -19.25 29.90 1.78
N LEU A 277 -19.42 29.00 2.73
CA LEU A 277 -18.48 28.99 3.85
C LEU A 277 -17.32 28.03 3.62
N TYR A 278 -16.11 28.58 3.69
CA TYR A 278 -14.94 27.74 3.57
C TYR A 278 -14.44 27.46 4.96
N ASN A 279 -14.55 26.21 5.41
CA ASN A 279 -14.23 25.89 6.81
C ASN A 279 -12.82 25.28 6.87
N CYS A 280 -12.01 25.85 7.75
CA CYS A 280 -10.74 25.28 8.12
C CYS A 280 -10.98 24.55 9.42
N THR A 281 -10.46 23.32 9.57
CA THR A 281 -10.64 22.57 10.81
C THR A 281 -9.31 22.05 11.42
N VAL A 282 -9.25 21.98 12.75
CA VAL A 282 -8.24 21.13 13.38
C VAL A 282 -8.96 19.97 14.04
N ALA A 283 -8.49 18.77 13.72
CA ALA A 283 -9.13 17.58 14.22
C ALA A 283 -8.08 16.75 14.92
N SER A 284 -8.38 16.44 16.18
CA SER A 284 -7.53 15.63 17.03
C SER A 284 -8.32 14.52 17.67
N THR A 285 -7.61 13.46 18.00
CA THR A 285 -8.15 12.41 18.83
C THR A 285 -8.62 13.00 20.16
N GLY A 286 -8.06 14.14 20.53
CA GLY A 286 -8.43 14.86 21.73
C GLY A 286 -9.46 15.97 21.63
N GLY A 287 -9.88 16.34 20.42
CA GLY A 287 -10.87 17.41 20.27
C GLY A 287 -10.82 18.06 18.91
N THR A 288 -11.73 19.00 18.63
CA THR A 288 -11.71 19.74 17.36
C THR A 288 -12.10 21.24 17.48
N ASP A 289 -11.60 22.06 16.57
CA ASP A 289 -12.21 23.38 16.38
C ASP A 289 -12.25 23.65 14.90
N THR A 290 -13.25 24.41 14.50
CA THR A 290 -13.40 24.73 13.09
C THR A 290 -13.84 26.20 12.93
N LYS A 291 -13.39 26.87 11.86
CA LYS A 291 -13.77 28.26 11.65
C LYS A 291 -14.11 28.56 10.19
N SER A 292 -15.11 29.41 9.95
CA SER A 292 -15.60 29.63 8.60
C SER A 292 -15.14 30.96 8.04
N PHE A 293 -14.94 31.00 6.71
CA PHE A 293 -14.59 32.20 5.98
C PHE A 293 -15.65 32.44 4.91
N ILE A 294 -16.19 33.66 4.83
CA ILE A 294 -17.09 34.02 3.71
C ILE A 294 -16.48 35.13 2.86
N LEU A 295 -16.54 34.99 1.54
CA LEU A 295 -15.94 36.00 0.66
C LEU A 295 -16.97 37.07 0.27
N VAL A 296 -16.62 38.34 0.46
CA VAL A 296 -17.54 39.47 0.29
C VAL A 296 -16.94 40.40 -0.77
N ARG A 297 -17.72 41.24 -1.47
CA ARG A 297 -17.04 42.06 -2.49
C ARG A 297 -16.15 43.19 -1.90
N LYS A 298 -16.73 44.32 -1.53
CA LYS A 298 -15.93 45.32 -0.85
C LYS A 298 -16.80 46.16 0.09
N ALA A 299 -17.85 46.76 -0.48
CA ALA A 299 -18.82 47.46 0.35
C ALA A 299 -19.33 46.62 1.56
N ASP A 300 -19.10 47.22 2.75
CA ASP A 300 -19.37 46.68 4.10
C ASP A 300 -19.94 47.73 5.07
N SER B 3 5.52 23.94 -16.53
CA SER B 3 6.22 22.78 -17.08
C SER B 3 7.04 23.17 -18.31
N CYS B 4 7.18 22.23 -19.24
CA CYS B 4 7.95 22.39 -20.48
C CYS B 4 8.00 21.08 -21.25
N THR B 5 8.48 21.15 -22.50
CA THR B 5 8.43 20.01 -23.38
C THR B 5 9.80 19.35 -23.53
N SER B 6 10.03 18.28 -22.76
CA SER B 6 11.34 17.63 -22.68
C SER B 6 11.61 16.46 -23.63
N ARG B 7 10.58 16.01 -24.35
CA ARG B 7 10.69 14.83 -25.19
C ARG B 7 11.20 15.21 -26.58
N PRO B 8 11.97 14.32 -27.23
CA PRO B 8 12.62 14.58 -28.52
C PRO B 8 11.70 14.72 -29.73
N HIS B 9 10.55 14.05 -29.72
CA HIS B 9 9.69 14.01 -30.91
C HIS B 9 8.26 14.35 -30.52
N ILE B 10 7.58 15.08 -31.41
CA ILE B 10 6.23 15.54 -31.10
C ILE B 10 5.31 15.64 -32.31
N THR B 11 4.09 15.13 -32.10
CA THR B 11 3.03 15.08 -33.12
C THR B 11 1.89 15.99 -32.72
N VAL B 12 1.63 17.01 -33.52
CA VAL B 12 0.45 17.84 -33.31
C VAL B 12 -0.34 18.04 -34.58
N VAL B 13 -1.62 18.36 -34.40
CA VAL B 13 -2.58 18.52 -35.49
C VAL B 13 -2.58 19.90 -36.10
N GLU B 14 -2.67 19.94 -37.42
CA GLU B 14 -2.80 21.17 -38.17
C GLU B 14 -3.93 22.12 -37.72
N GLY B 15 -3.64 23.42 -37.70
CA GLY B 15 -4.67 24.44 -37.54
C GLY B 15 -4.90 24.89 -36.11
N GLU B 16 -4.07 24.38 -35.21
CA GLU B 16 -4.33 24.52 -33.80
C GLU B 16 -3.17 25.30 -33.15
N PRO B 17 -3.47 26.17 -32.16
CA PRO B 17 -2.34 26.89 -31.56
C PRO B 17 -1.39 25.91 -30.92
N PHE B 18 -0.11 26.24 -30.86
CA PHE B 18 0.86 25.30 -30.37
C PHE B 18 2.13 25.99 -29.88
N TYR B 19 2.79 25.39 -28.90
CA TYR B 19 4.00 25.98 -28.40
C TYR B 19 5.08 24.96 -28.09
N LEU B 20 6.30 25.48 -27.96
CA LEU B 20 7.50 24.71 -27.70
C LEU B 20 8.30 25.43 -26.60
N LYS B 21 8.60 24.74 -25.50
CA LYS B 21 9.20 25.39 -24.32
C LYS B 21 10.41 24.61 -23.82
N HIS B 22 11.51 25.32 -23.64
CA HIS B 22 12.85 24.71 -23.63
C HIS B 22 13.47 24.22 -22.32
N CYS B 23 12.73 24.15 -21.24
CA CYS B 23 13.21 23.41 -20.06
C CYS B 23 14.49 23.94 -19.43
N SER B 24 14.88 25.17 -19.76
CA SER B 24 15.81 25.86 -18.91
C SER B 24 15.34 27.05 -18.05
N CYS B 25 14.05 27.40 -17.98
CA CYS B 25 13.72 28.57 -17.17
C CYS B 25 13.73 28.32 -15.65
N THR B 34 21.21 39.66 -22.93
CA THR B 34 21.42 38.26 -23.29
C THR B 34 21.02 37.93 -24.74
N THR B 35 21.28 36.67 -25.11
CA THR B 35 21.03 36.12 -26.47
C THR B 35 20.24 34.79 -26.47
N LYS B 36 19.05 34.75 -27.09
CA LYS B 36 18.40 33.47 -27.38
C LYS B 36 18.31 33.37 -28.90
N SER B 37 18.31 32.13 -29.43
CA SER B 37 18.17 31.86 -30.86
C SER B 37 17.45 30.53 -31.15
N TRP B 38 16.36 30.60 -31.91
CA TRP B 38 15.66 29.41 -32.39
C TRP B 38 15.98 29.17 -33.88
N TYR B 39 16.06 27.90 -34.29
CA TYR B 39 16.41 27.57 -35.67
C TYR B 39 15.54 26.45 -36.23
N LYS B 40 15.31 26.44 -37.54
CA LYS B 40 14.55 25.36 -38.16
C LYS B 40 15.27 24.64 -39.28
N SER B 41 15.26 23.32 -39.20
CA SER B 41 15.71 22.49 -40.29
C SER B 41 14.54 21.74 -40.89
N SER B 42 14.57 21.66 -42.21
CA SER B 42 13.48 21.17 -43.04
C SER B 42 14.04 20.29 -44.14
N GLY B 43 13.33 20.29 -45.26
CA GLY B 43 13.77 19.61 -46.45
C GLY B 43 14.99 20.25 -47.04
N SER B 44 14.91 21.51 -47.47
CA SER B 44 16.04 22.19 -48.10
C SER B 44 16.80 23.22 -47.24
N GLN B 45 16.47 23.30 -45.94
CA GLN B 45 17.00 24.38 -45.10
C GLN B 45 17.88 23.95 -43.90
N GLU B 46 19.18 24.26 -43.97
CA GLU B 46 20.12 23.80 -42.94
C GLU B 46 19.68 24.26 -41.54
N HIS B 47 19.88 25.53 -41.19
CA HIS B 47 19.37 26.03 -39.90
C HIS B 47 18.89 27.42 -40.22
N VAL B 48 17.62 27.58 -40.53
CA VAL B 48 17.17 28.91 -40.84
C VAL B 48 16.83 29.46 -39.45
N GLU B 49 17.56 30.50 -39.04
CA GLU B 49 17.25 31.14 -37.78
C GLU B 49 15.83 31.71 -37.76
N LEU B 50 15.10 31.44 -36.69
CA LEU B 50 13.71 31.85 -36.66
C LEU B 50 13.55 33.34 -36.46
N ASN B 51 12.80 33.97 -37.39
CA ASN B 51 12.45 35.41 -37.35
C ASN B 51 11.17 35.72 -36.58
N PRO B 52 11.18 36.84 -35.85
CA PRO B 52 10.11 37.23 -34.92
C PRO B 52 8.92 37.91 -35.56
N ARG B 53 9.10 38.42 -36.77
CA ARG B 53 8.11 39.27 -37.45
C ARG B 53 6.87 39.73 -36.63
N ARG B 57 2.58 34.26 -38.18
CA ARG B 57 1.95 33.44 -37.15
C ARG B 57 2.93 32.86 -36.12
N ILE B 58 4.18 33.34 -36.10
CA ILE B 58 5.15 32.84 -35.14
C ILE B 58 5.58 33.91 -34.16
N ALA B 59 5.56 33.57 -32.88
CA ALA B 59 5.91 34.47 -31.79
C ALA B 59 7.00 33.84 -30.90
N LEU B 60 8.12 34.57 -30.72
CA LEU B 60 9.25 34.13 -29.90
C LEU B 60 9.37 34.98 -28.63
N HIS B 61 9.04 34.47 -27.45
CA HIS B 61 9.22 35.30 -26.26
C HIS B 61 9.50 34.52 -24.99
N ASP B 62 10.22 35.15 -24.05
CA ASP B 62 10.44 34.60 -22.70
C ASP B 62 10.68 33.10 -22.70
N CYS B 63 11.56 32.64 -23.60
CA CYS B 63 12.02 31.26 -23.62
C CYS B 63 10.89 30.23 -24.01
N VAL B 64 10.15 30.61 -25.04
CA VAL B 64 9.11 29.79 -25.65
C VAL B 64 8.92 30.18 -27.15
N LEU B 65 8.42 29.24 -27.93
CA LEU B 65 8.24 29.46 -29.35
C LEU B 65 6.79 29.19 -29.68
N GLU B 66 6.03 30.20 -30.12
CA GLU B 66 4.60 29.97 -30.26
C GLU B 66 4.13 29.90 -31.71
N PHE B 67 3.18 29.00 -31.96
CA PHE B 67 2.58 28.90 -33.27
C PHE B 67 1.13 29.35 -33.14
N TRP B 68 0.65 30.09 -34.15
CA TRP B 68 -0.66 30.74 -34.08
C TRP B 68 -1.40 30.77 -35.41
N PRO B 69 -1.90 29.60 -35.86
CA PRO B 69 -1.70 28.27 -35.30
C PRO B 69 -0.49 27.58 -35.91
N VAL B 70 -0.28 26.31 -35.61
CA VAL B 70 0.74 25.52 -36.30
C VAL B 70 0.16 25.02 -37.63
N GLU B 71 1.03 24.67 -38.56
CA GLU B 71 0.63 24.37 -39.94
C GLU B 71 1.51 23.25 -40.51
N LEU B 72 1.13 22.71 -41.66
CA LEU B 72 1.88 21.65 -42.31
C LEU B 72 3.24 22.24 -42.79
N ASN B 73 3.25 23.53 -43.11
CA ASN B 73 4.48 24.31 -43.28
C ASN B 73 5.57 23.93 -42.27
N ASP B 74 5.13 23.78 -41.03
CA ASP B 74 6.01 23.77 -39.89
C ASP B 74 6.67 22.45 -39.51
N THR B 75 6.37 21.38 -40.22
CA THR B 75 6.98 20.13 -39.78
C THR B 75 8.49 20.23 -40.06
N GLY B 76 9.29 19.70 -39.16
CA GLY B 76 10.74 19.74 -39.25
C GLY B 76 11.38 19.74 -37.88
N SER B 77 12.70 19.70 -37.80
CA SER B 77 13.32 19.68 -36.48
C SER B 77 13.68 21.09 -36.04
N TYR B 78 13.61 21.33 -34.73
CA TYR B 78 13.83 22.66 -34.18
C TYR B 78 14.93 22.64 -33.13
N PHE B 79 15.71 23.73 -33.09
CA PHE B 79 16.85 23.82 -32.19
C PHE B 79 16.87 25.11 -31.45
N PHE B 80 17.08 25.00 -30.15
CA PHE B 80 17.23 26.16 -29.32
C PHE B 80 18.64 26.18 -28.77
N GLN B 81 19.20 27.38 -28.66
CA GLN B 81 20.50 27.59 -28.05
C GLN B 81 20.54 28.83 -27.15
N MET B 82 21.12 28.70 -25.95
CA MET B 82 21.27 29.87 -25.11
C MET B 82 22.76 30.15 -25.13
N LYS B 83 23.54 29.49 -24.28
CA LYS B 83 24.96 29.52 -24.50
C LYS B 83 25.44 28.10 -24.29
N ASN B 84 25.62 27.75 -23.02
CA ASN B 84 25.96 26.40 -22.63
C ASN B 84 24.76 25.46 -22.78
N TYR B 85 23.62 25.95 -23.24
CA TYR B 85 22.44 25.08 -23.39
C TYR B 85 21.99 24.89 -24.83
N THR B 86 21.57 23.67 -25.16
CA THR B 86 21.02 23.38 -26.48
C THR B 86 19.89 22.35 -26.39
N GLN B 87 18.91 22.42 -27.30
CA GLN B 87 17.81 21.46 -27.33
C GLN B 87 17.26 21.25 -28.71
N LYS B 88 16.71 20.07 -28.90
CA LYS B 88 16.30 19.60 -30.20
C LYS B 88 14.87 19.06 -30.11
N TRP B 89 14.07 19.33 -31.12
CA TRP B 89 12.76 18.74 -31.23
C TRP B 89 12.54 18.36 -32.67
N LYS B 90 12.02 17.15 -32.90
CA LYS B 90 11.47 16.86 -34.21
C LYS B 90 9.99 17.16 -34.11
N LEU B 91 9.49 18.01 -35.00
CA LEU B 91 8.11 18.38 -34.94
C LEU B 91 7.37 17.83 -36.14
N ASN B 92 6.45 16.90 -35.87
CA ASN B 92 5.67 16.32 -36.93
C ASN B 92 4.23 16.76 -36.85
N VAL B 93 3.84 17.61 -37.79
CA VAL B 93 2.47 18.10 -37.88
C VAL B 93 1.65 17.25 -38.80
N ILE B 94 0.46 16.88 -38.35
CA ILE B 94 -0.43 16.00 -39.10
C ILE B 94 -1.64 16.74 -39.57
N ARG B 95 -2.24 16.22 -40.64
CA ARG B 95 -3.52 16.68 -41.19
C ARG B 95 -4.69 16.52 -40.23
N ARG B 96 -5.53 17.55 -40.14
CA ARG B 96 -6.70 17.49 -39.27
C ARG B 96 -7.98 16.91 -39.91
N ASN B 97 -8.60 15.96 -39.21
CA ASN B 97 -9.92 15.56 -39.61
C ASN B 97 -10.78 16.83 -39.55
N LYS B 98 -11.19 17.31 -40.72
CA LYS B 98 -11.91 18.57 -40.83
C LYS B 98 -13.42 18.40 -40.74
N HIS B 99 -13.89 17.17 -40.90
CA HIS B 99 -15.33 16.93 -40.85
C HIS B 99 -15.82 16.55 -39.46
N SER B 100 -14.89 16.29 -38.53
CA SER B 100 -15.26 15.94 -37.17
C SER B 100 -14.59 16.90 -36.17
N CYS B 101 -14.92 16.74 -34.89
CA CYS B 101 -14.38 17.60 -33.84
C CYS B 101 -12.95 17.22 -33.40
N PHE B 102 -12.57 15.95 -33.59
CA PHE B 102 -11.20 15.52 -33.29
C PHE B 102 -10.63 14.67 -34.40
N THR B 103 -9.35 14.38 -34.31
CA THR B 103 -8.73 13.57 -35.32
C THR B 103 -8.03 12.42 -34.61
N GLU B 104 -8.13 11.24 -35.18
CA GLU B 104 -7.75 10.03 -34.47
C GLU B 104 -6.30 9.92 -33.99
N ARG B 105 -5.30 10.51 -34.64
CA ARG B 105 -3.93 10.37 -34.10
C ARG B 105 -3.72 11.09 -32.78
N GLN B 106 -4.42 12.22 -32.59
CA GLN B 106 -4.17 13.11 -31.46
C GLN B 106 -4.88 12.72 -30.19
N VAL B 107 -5.20 11.43 -30.07
CA VAL B 107 -6.08 10.94 -29.03
C VAL B 107 -5.22 10.26 -27.96
N THR B 108 -5.64 10.35 -26.69
CA THR B 108 -4.92 9.74 -25.55
C THR B 108 -5.80 8.68 -24.88
N SER B 109 -5.32 7.45 -24.77
CA SER B 109 -6.17 6.39 -24.22
C SER B 109 -6.23 6.41 -22.69
N LYS B 110 -7.34 5.93 -22.17
CA LYS B 110 -7.54 5.74 -20.73
C LYS B 110 -8.29 4.45 -20.50
N ILE B 111 -7.87 3.75 -19.48
CA ILE B 111 -8.47 2.49 -19.14
C ILE B 111 -9.11 2.65 -17.77
N VAL B 112 -10.40 2.38 -17.68
CA VAL B 112 -11.14 2.58 -16.45
C VAL B 112 -11.97 1.32 -16.20
N GLU B 113 -11.85 0.74 -15.01
CA GLU B 113 -12.52 -0.51 -14.67
C GLU B 113 -14.02 -0.31 -14.34
N VAL B 114 -14.83 -1.33 -14.64
CA VAL B 114 -16.29 -1.20 -14.73
C VAL B 114 -16.96 -0.48 -13.57
N LYS B 115 -16.91 -1.02 -12.37
CA LYS B 115 -17.63 -0.32 -11.32
C LYS B 115 -16.57 0.40 -10.51
N LYS B 116 -16.15 1.57 -11.00
CA LYS B 116 -15.01 2.23 -10.36
C LYS B 116 -14.91 3.71 -10.65
N PHE B 117 -14.16 4.40 -9.80
CA PHE B 117 -14.01 5.85 -9.92
C PHE B 117 -13.43 6.29 -11.27
N PHE B 118 -14.12 7.26 -11.87
CA PHE B 118 -13.85 7.66 -13.25
C PHE B 118 -14.05 9.18 -13.42
N GLN B 119 -13.01 9.89 -13.85
CA GLN B 119 -13.20 11.32 -14.11
C GLN B 119 -12.53 11.82 -15.38
N ILE B 120 -13.08 12.91 -15.92
CA ILE B 120 -12.52 13.55 -17.09
C ILE B 120 -12.66 15.02 -16.87
N THR B 121 -11.58 15.75 -17.06
CA THR B 121 -11.63 17.18 -16.77
C THR B 121 -10.85 18.06 -17.75
N CYS B 122 -11.56 19.04 -18.30
CA CYS B 122 -10.97 19.95 -19.27
C CYS B 122 -10.22 21.09 -18.60
N GLU B 123 -8.92 21.16 -18.85
CA GLU B 123 -8.06 22.18 -18.27
C GLU B 123 -6.88 22.51 -19.18
N ASN B 124 -6.29 23.68 -19.01
CA ASN B 124 -5.02 23.98 -19.65
C ASN B 124 -4.19 24.94 -18.85
N SER B 125 -3.11 24.51 -18.22
CA SER B 125 -2.35 25.57 -17.59
C SER B 125 -1.25 25.89 -18.55
N TYR B 126 -1.63 26.63 -19.58
CA TYR B 126 -0.73 27.41 -20.38
C TYR B 126 -1.52 28.57 -20.94
N TYR B 127 -2.52 28.16 -21.72
CA TYR B 127 -3.43 29.02 -22.47
C TYR B 127 -4.69 29.43 -21.75
N GLN B 128 -4.78 29.16 -20.45
CA GLN B 128 -6.01 29.34 -19.69
C GLN B 128 -6.47 30.81 -19.64
N THR B 129 -5.55 31.76 -19.60
CA THR B 129 -5.99 33.15 -19.44
C THR B 129 -6.54 33.72 -20.74
N LEU B 130 -6.33 33.02 -21.85
CA LEU B 130 -6.88 33.49 -23.11
C LEU B 130 -8.21 32.83 -23.35
N VAL B 131 -8.55 31.81 -22.56
CA VAL B 131 -9.81 31.10 -22.78
C VAL B 131 -11.05 31.95 -22.49
N ASN B 132 -12.01 31.90 -23.42
CA ASN B 132 -13.28 32.59 -23.24
C ASN B 132 -14.46 31.63 -23.01
N SER B 133 -14.30 30.38 -23.46
CA SER B 133 -15.35 29.36 -23.50
C SER B 133 -14.76 27.95 -23.61
N THR B 134 -15.38 26.94 -22.98
CA THR B 134 -14.82 25.60 -23.09
C THR B 134 -15.88 24.50 -23.09
N SER B 135 -16.08 23.80 -24.20
CA SER B 135 -17.12 22.77 -24.24
C SER B 135 -16.62 21.32 -24.35
N LEU B 136 -17.37 20.38 -23.76
CA LEU B 136 -17.05 18.96 -23.73
C LEU B 136 -17.98 18.10 -24.62
N TYR B 137 -17.39 17.31 -25.50
CA TYR B 137 -18.14 16.48 -26.42
C TYR B 137 -17.95 15.04 -26.07
N LYS B 138 -19.00 14.26 -26.28
CA LYS B 138 -18.86 12.82 -26.22
C LYS B 138 -19.15 12.30 -27.60
N ASN B 139 -18.18 11.59 -28.18
CA ASN B 139 -18.22 11.20 -29.58
C ASN B 139 -18.73 12.35 -30.46
N CYS B 140 -18.22 13.55 -30.18
CA CYS B 140 -18.53 14.80 -30.88
C CYS B 140 -19.89 15.47 -30.59
N LYS B 141 -20.67 14.89 -29.68
CA LYS B 141 -21.92 15.52 -29.24
C LYS B 141 -21.75 16.26 -27.91
N LYS B 142 -22.06 17.55 -27.93
CA LYS B 142 -21.86 18.47 -26.81
C LYS B 142 -22.63 18.04 -25.57
N LEU B 143 -22.18 18.49 -24.41
CA LEU B 143 -22.62 17.93 -23.14
C LEU B 143 -22.97 19.00 -22.11
N PRO B 151 -15.31 22.54 -16.56
CA PRO B 151 -16.09 21.55 -17.35
C PRO B 151 -15.63 20.11 -17.14
N THR B 152 -16.56 19.26 -16.68
CA THR B 152 -16.21 17.94 -16.16
C THR B 152 -17.26 16.83 -16.40
N ILE B 153 -16.80 15.60 -16.20
CA ILE B 153 -17.67 14.47 -16.01
C ILE B 153 -17.17 13.76 -14.78
N LYS B 154 -17.99 13.74 -13.75
CA LYS B 154 -17.67 12.98 -12.54
C LYS B 154 -18.62 11.79 -12.43
N LYS B 155 -18.08 10.57 -12.31
CA LYS B 155 -18.94 9.39 -12.47
C LYS B 155 -18.28 8.04 -12.15
N ASN B 156 -19.11 7.05 -11.80
CA ASN B 156 -18.66 5.67 -11.75
C ASN B 156 -18.97 5.00 -13.09
N ALA B 157 -18.04 4.17 -13.55
CA ALA B 157 -18.04 3.69 -14.94
C ALA B 157 -19.18 2.75 -15.27
N GLU B 158 -19.72 2.94 -16.47
CA GLU B 158 -20.63 2.00 -17.12
C GLU B 158 -19.99 1.58 -18.40
N PHE B 159 -20.28 0.38 -18.88
CA PHE B 159 -19.73 -0.05 -20.16
C PHE B 159 -19.93 1.00 -21.27
N GLU B 160 -21.05 1.69 -21.22
CA GLU B 160 -21.33 2.63 -22.28
C GLU B 160 -20.72 4.01 -22.13
N ASP B 161 -19.92 4.18 -21.07
CA ASP B 161 -19.07 5.36 -20.98
C ASP B 161 -17.83 5.27 -21.90
N GLN B 162 -17.66 4.11 -22.55
CA GLN B 162 -16.64 3.99 -23.61
C GLN B 162 -16.94 4.99 -24.70
N GLY B 163 -15.93 5.72 -25.11
CA GLY B 163 -16.08 6.64 -26.22
C GLY B 163 -14.94 7.62 -26.21
N TYR B 164 -14.98 8.52 -27.19
CA TYR B 164 -14.02 9.58 -27.26
C TYR B 164 -14.63 10.82 -26.63
N TYR B 165 -13.99 11.32 -25.57
CA TYR B 165 -14.43 12.55 -24.96
C TYR B 165 -13.50 13.68 -25.40
N SER B 166 -14.06 14.73 -25.99
CA SER B 166 -13.21 15.78 -26.51
C SER B 166 -13.37 17.06 -25.74
N CYS B 167 -12.25 17.58 -25.25
CA CYS B 167 -12.24 18.87 -24.61
C CYS B 167 -11.90 19.86 -25.69
N VAL B 168 -12.72 20.88 -25.82
CA VAL B 168 -12.42 21.94 -26.76
C VAL B 168 -12.33 23.26 -25.98
N HIS B 169 -11.39 24.10 -26.39
CA HIS B 169 -11.17 25.40 -25.76
C HIS B 169 -11.18 26.48 -26.81
N PHE B 170 -11.99 27.52 -26.59
CA PHE B 170 -12.06 28.60 -27.56
C PHE B 170 -11.27 29.80 -27.06
N LEU B 171 -10.40 30.32 -27.93
CA LEU B 171 -9.40 31.31 -27.50
C LEU B 171 -9.57 32.61 -28.22
N HIS B 172 -9.26 33.69 -27.51
CA HIS B 172 -9.08 35.00 -28.13
C HIS B 172 -7.58 35.21 -28.35
N HIS B 173 -7.14 35.49 -29.58
CA HIS B 173 -5.78 36.00 -29.75
C HIS B 173 -5.70 37.03 -30.86
N ASN B 174 -5.64 38.30 -30.44
CA ASN B 174 -5.44 39.48 -31.30
C ASN B 174 -6.15 39.41 -32.67
N GLY B 175 -7.47 39.47 -32.57
CA GLY B 175 -8.39 39.61 -33.70
C GLY B 175 -9.19 38.45 -34.27
N LYS B 176 -8.70 37.21 -34.19
CA LYS B 176 -9.64 36.10 -34.39
C LYS B 176 -9.54 34.93 -33.42
N LEU B 177 -10.42 33.96 -33.70
CA LEU B 177 -10.69 32.83 -32.82
C LEU B 177 -9.78 31.66 -33.12
N PHE B 178 -9.30 31.03 -32.06
CA PHE B 178 -8.60 29.74 -32.12
C PHE B 178 -9.30 28.70 -31.27
N ASN B 179 -9.28 27.44 -31.68
CA ASN B 179 -9.57 26.40 -30.71
C ASN B 179 -8.42 25.41 -30.52
N ILE B 180 -8.33 24.95 -29.28
CA ILE B 180 -7.47 23.88 -28.89
C ILE B 180 -8.28 22.66 -28.43
N THR B 181 -7.99 21.47 -28.96
CA THR B 181 -8.80 20.31 -28.56
C THR B 181 -7.98 19.06 -28.19
N LYS B 182 -8.20 18.57 -26.97
CA LYS B 182 -7.63 17.32 -26.48
C LYS B 182 -8.73 16.29 -26.33
N THR B 183 -8.45 15.07 -26.81
CA THR B 183 -9.46 14.02 -26.82
C THR B 183 -8.99 12.76 -26.12
N PHE B 184 -9.89 12.13 -25.36
CA PHE B 184 -9.61 10.91 -24.64
C PHE B 184 -10.37 9.71 -25.20
N ASN B 185 -9.66 8.63 -25.50
CA ASN B 185 -10.29 7.35 -25.84
C ASN B 185 -10.51 6.59 -24.53
N ILE B 186 -11.73 6.56 -24.03
CA ILE B 186 -12.01 5.87 -22.78
C ILE B 186 -12.37 4.45 -23.12
N THR B 187 -11.70 3.50 -22.48
CA THR B 187 -12.08 2.12 -22.60
C THR B 187 -12.50 1.52 -21.25
N ILE B 188 -13.67 0.91 -21.20
CA ILE B 188 -14.15 0.29 -19.95
C ILE B 188 -13.76 -1.19 -19.90
N VAL B 189 -13.00 -1.53 -18.87
CA VAL B 189 -12.37 -2.83 -18.85
C VAL B 189 -13.05 -3.64 -17.75
N GLU B 190 -13.20 -4.93 -18.03
CA GLU B 190 -13.67 -5.88 -17.04
C GLU B 190 -12.49 -6.05 -16.08
N ASP B 191 -12.74 -6.34 -14.80
CA ASP B 191 -11.60 -6.61 -13.91
C ASP B 191 -11.20 -8.07 -13.93
N ARG B 192 -9.91 -8.34 -13.97
CA ARG B 192 -9.43 -9.70 -13.93
C ARG B 192 -9.84 -10.28 -12.58
N SER B 193 -9.81 -11.60 -12.51
CA SER B 193 -10.22 -12.36 -11.33
C SER B 193 -9.01 -12.77 -10.48
N ASN B 194 -7.95 -11.95 -10.55
CA ASN B 194 -6.60 -12.32 -10.12
C ASN B 194 -6.51 -13.05 -8.78
N ILE B 195 -5.65 -14.07 -8.82
CA ILE B 195 -5.50 -15.07 -7.79
C ILE B 195 -4.17 -14.86 -7.10
N VAL B 196 -4.13 -15.00 -5.77
CA VAL B 196 -2.85 -15.08 -5.08
C VAL B 196 -2.26 -16.46 -5.37
N PRO B 197 -1.09 -16.51 -6.04
CA PRO B 197 -0.63 -17.85 -6.38
C PRO B 197 -0.34 -18.67 -5.11
N VAL B 198 -0.66 -19.96 -5.19
CA VAL B 198 -0.37 -20.89 -4.12
C VAL B 198 0.36 -22.05 -4.72
N LEU B 199 1.29 -22.64 -3.97
CA LEU B 199 1.82 -23.96 -4.29
C LEU B 199 0.94 -25.04 -3.66
N LEU B 200 0.79 -26.16 -4.37
CA LEU B 200 -0.02 -27.23 -3.84
C LEU B 200 0.89 -28.24 -3.17
N GLY B 201 0.48 -28.70 -1.99
CA GLY B 201 1.22 -29.72 -1.28
C GLY B 201 1.96 -29.19 -0.08
N PRO B 202 2.64 -30.08 0.63
CA PRO B 202 3.44 -29.72 1.81
C PRO B 202 4.51 -28.70 1.45
N LYS B 203 4.94 -27.90 2.42
CA LYS B 203 5.91 -26.81 2.18
C LYS B 203 7.36 -27.31 2.26
N LEU B 204 7.62 -28.23 3.19
CA LEU B 204 8.86 -29.01 3.25
C LEU B 204 8.55 -30.39 2.66
N ASN B 205 9.49 -31.02 1.98
CA ASN B 205 9.20 -32.32 1.40
C ASN B 205 10.38 -33.30 1.44
N HIS B 206 10.10 -34.54 1.82
CA HIS B 206 11.15 -35.56 1.85
C HIS B 206 10.85 -36.59 0.79
N VAL B 207 11.82 -36.91 -0.04
CA VAL B 207 11.58 -37.86 -1.11
C VAL B 207 12.60 -38.98 -1.10
N ALA B 208 12.14 -40.22 -1.21
CA ALA B 208 13.05 -41.34 -1.04
C ALA B 208 13.57 -41.84 -2.39
N VAL B 209 14.86 -42.15 -2.49
CA VAL B 209 15.45 -42.69 -3.72
C VAL B 209 16.79 -43.40 -3.58
N GLU B 210 17.29 -43.92 -4.70
CA GLU B 210 18.46 -44.78 -4.68
C GLU B 210 19.69 -44.06 -5.24
N LEU B 211 20.85 -44.28 -4.62
CA LEU B 211 22.01 -43.49 -5.05
C LEU B 211 22.35 -43.73 -6.55
N GLY B 212 22.34 -44.97 -7.01
CA GLY B 212 22.70 -45.18 -8.40
C GLY B 212 21.81 -44.37 -9.33
N LYS B 213 20.55 -44.19 -8.91
CA LYS B 213 19.43 -43.87 -9.80
C LYS B 213 18.94 -42.41 -9.83
N ASN B 214 17.71 -42.24 -10.36
CA ASN B 214 17.17 -40.94 -10.77
C ASN B 214 15.94 -40.48 -9.96
N VAL B 215 15.68 -39.15 -9.91
CA VAL B 215 14.46 -38.59 -9.31
C VAL B 215 13.77 -37.59 -10.22
N ARG B 216 12.45 -37.55 -10.15
CA ARG B 216 11.70 -36.55 -10.86
C ARG B 216 10.79 -35.85 -9.88
N LEU B 217 11.11 -34.59 -9.62
CA LEU B 217 10.37 -33.80 -8.67
C LEU B 217 9.34 -33.04 -9.46
N ASN B 218 8.07 -33.16 -9.04
CA ASN B 218 6.95 -32.48 -9.66
C ASN B 218 6.58 -31.32 -8.75
N CYS B 219 6.38 -30.14 -9.33
CA CYS B 219 6.01 -28.99 -8.54
C CYS B 219 4.80 -28.38 -9.17
N SER B 220 3.80 -28.01 -8.37
CA SER B 220 2.50 -27.71 -8.91
C SER B 220 1.86 -26.50 -8.25
N ALA B 221 1.23 -25.65 -9.04
CA ALA B 221 0.69 -24.41 -8.52
C ALA B 221 -0.55 -23.90 -9.24
N LEU B 222 -1.36 -23.17 -8.47
CA LEU B 222 -2.44 -22.35 -8.96
C LEU B 222 -1.93 -20.95 -9.15
N LEU B 223 -1.95 -20.44 -10.38
CA LEU B 223 -1.38 -19.13 -10.69
C LEU B 223 -2.12 -18.44 -11.83
N ASN B 224 -1.72 -17.21 -12.09
CA ASN B 224 -2.27 -16.35 -13.13
C ASN B 224 -1.45 -16.47 -14.42
N GLU B 225 -2.12 -16.21 -15.53
CA GLU B 225 -1.50 -16.15 -16.86
C GLU B 225 -0.10 -15.55 -16.77
N GLU B 226 -0.02 -14.32 -16.26
CA GLU B 226 1.26 -13.61 -16.20
C GLU B 226 2.29 -14.26 -15.26
N ASP B 227 1.86 -15.12 -14.35
CA ASP B 227 2.78 -15.64 -13.36
C ASP B 227 3.81 -16.63 -13.90
N VAL B 228 4.75 -17.00 -13.04
CA VAL B 228 5.96 -17.73 -13.45
C VAL B 228 6.30 -18.81 -12.41
N ILE B 229 6.67 -19.99 -12.87
CA ILE B 229 7.06 -21.05 -11.94
C ILE B 229 8.42 -21.66 -12.33
N TYR B 230 9.37 -21.63 -11.40
CA TYR B 230 10.73 -22.10 -11.68
C TYR B 230 11.36 -22.89 -10.56
N TRP B 231 12.40 -23.62 -10.90
CA TRP B 231 13.16 -24.39 -9.93
C TRP B 231 14.47 -23.71 -9.56
N MET B 232 14.94 -23.98 -8.35
CA MET B 232 16.21 -23.45 -7.83
C MET B 232 17.04 -24.57 -7.22
N PHE B 233 18.16 -24.81 -7.86
CA PHE B 233 19.20 -25.76 -7.52
C PHE B 233 20.41 -24.84 -7.47
N GLY B 234 21.64 -25.35 -7.58
CA GLY B 234 22.74 -24.39 -7.66
C GLY B 234 23.12 -23.99 -9.09
N GLU B 235 23.42 -22.71 -9.31
CA GLU B 235 23.78 -22.23 -10.65
C GLU B 235 24.68 -21.01 -10.52
N ASN B 242 24.06 -30.70 -15.30
CA ASN B 242 24.29 -31.73 -16.32
C ASN B 242 23.58 -33.02 -15.96
N ILE B 243 23.67 -33.34 -14.67
CA ILE B 243 22.83 -34.36 -14.08
C ILE B 243 21.45 -33.71 -13.76
N HIS B 244 21.23 -32.45 -14.16
CA HIS B 244 19.91 -31.79 -13.96
C HIS B 244 19.18 -31.34 -15.23
N GLU B 245 17.83 -31.38 -15.18
CA GLU B 245 16.96 -30.99 -16.31
C GLU B 245 15.51 -30.65 -15.85
N GLU B 246 14.63 -30.20 -16.79
CA GLU B 246 13.35 -29.43 -16.56
C GLU B 246 11.97 -29.69 -17.38
N LYS B 247 11.20 -28.62 -17.74
CA LYS B 247 9.95 -28.58 -18.63
C LYS B 247 8.38 -28.65 -18.30
N GLU B 248 7.78 -27.44 -18.29
CA GLU B 248 6.46 -27.00 -17.77
C GLU B 248 5.20 -27.24 -18.65
N MET B 249 4.03 -27.28 -17.99
CA MET B 249 2.70 -27.62 -18.52
C MET B 249 1.58 -26.78 -17.89
N ARG B 250 0.55 -26.38 -18.62
CA ARG B 250 -0.51 -25.55 -18.01
C ARG B 250 -1.89 -25.98 -18.46
N ILE B 251 -2.73 -26.29 -17.47
CA ILE B 251 -4.08 -26.81 -17.67
C ILE B 251 -5.03 -25.97 -16.83
N MET B 252 -6.26 -25.77 -17.30
CA MET B 252 -7.24 -24.96 -16.57
C MET B 252 -8.13 -25.77 -15.64
N THR B 253 -8.32 -25.29 -14.41
CA THR B 253 -9.10 -26.04 -13.44
C THR B 253 -10.56 -25.78 -13.73
N PRO B 254 -11.46 -26.63 -13.20
CA PRO B 254 -12.87 -26.45 -13.54
C PRO B 254 -13.46 -25.18 -12.92
N GLU B 255 -12.70 -24.57 -12.01
CA GLU B 255 -13.10 -23.31 -11.39
C GLU B 255 -12.46 -22.13 -12.12
N GLY B 256 -11.85 -22.38 -13.26
CA GLY B 256 -11.38 -21.31 -14.11
C GLY B 256 -9.97 -20.81 -13.86
N LYS B 257 -9.34 -21.33 -12.82
CA LYS B 257 -7.97 -20.98 -12.46
C LYS B 257 -6.92 -21.70 -13.32
N TRP B 258 -5.73 -21.12 -13.42
CA TRP B 258 -4.64 -21.79 -14.13
C TRP B 258 -3.84 -22.67 -13.18
N HIS B 259 -3.81 -23.95 -13.52
CA HIS B 259 -3.03 -24.90 -12.78
C HIS B 259 -1.75 -25.27 -13.55
N ALA B 260 -0.59 -24.96 -12.96
CA ALA B 260 0.70 -25.15 -13.63
C ALA B 260 1.62 -26.07 -12.84
N SER B 261 2.37 -26.89 -13.56
CA SER B 261 3.35 -27.77 -12.93
C SER B 261 4.63 -27.88 -13.76
N LYS B 262 5.75 -28.19 -13.09
CA LYS B 262 7.09 -28.22 -13.72
C LYS B 262 7.94 -29.29 -13.10
N VAL B 263 8.61 -30.10 -13.92
CA VAL B 263 9.38 -31.22 -13.40
C VAL B 263 10.89 -30.99 -13.44
N LEU B 264 11.54 -31.27 -12.32
CA LEU B 264 12.99 -31.18 -12.23
C LEU B 264 13.57 -32.58 -12.18
N ARG B 265 14.36 -32.95 -13.18
CA ARG B 265 14.94 -34.29 -13.18
C ARG B 265 16.42 -34.28 -12.73
N ILE B 266 16.78 -35.19 -11.83
CA ILE B 266 18.15 -35.34 -11.34
C ILE B 266 18.65 -36.77 -11.63
N GLU B 267 19.69 -36.95 -12.46
CA GLU B 267 19.99 -38.31 -12.95
C GLU B 267 20.88 -39.25 -12.07
N ASN B 268 22.21 -39.14 -12.07
CA ASN B 268 22.93 -40.18 -11.34
C ASN B 268 23.27 -39.71 -9.96
N ILE B 269 22.32 -39.94 -9.06
CA ILE B 269 22.37 -39.37 -7.73
C ILE B 269 23.65 -39.73 -7.02
N GLY B 270 24.30 -38.71 -6.51
CA GLY B 270 25.37 -38.92 -5.59
C GLY B 270 24.81 -38.48 -4.26
N GLU B 271 25.73 -38.49 -3.31
CA GLU B 271 25.51 -37.92 -2.02
C GLU B 271 25.60 -36.39 -2.09
N SER B 272 26.21 -35.88 -3.15
CA SER B 272 26.23 -34.44 -3.34
C SER B 272 24.77 -33.98 -3.47
N ASN B 273 23.92 -34.84 -4.03
CA ASN B 273 22.53 -34.51 -4.24
C ASN B 273 21.65 -34.73 -3.01
N LEU B 274 22.30 -34.93 -1.86
CA LEU B 274 21.63 -35.55 -0.70
C LEU B 274 21.07 -34.58 0.38
N ASN B 275 21.85 -33.71 1.02
CA ASN B 275 21.11 -32.78 1.90
C ASN B 275 21.26 -31.39 1.35
N VAL B 276 20.42 -31.09 0.38
CA VAL B 276 20.41 -29.79 -0.23
C VAL B 276 18.96 -29.48 -0.52
N LEU B 277 18.53 -28.24 -0.34
CA LEU B 277 17.14 -27.96 -0.60
C LEU B 277 16.91 -27.51 -2.04
N TYR B 278 16.12 -28.27 -2.78
CA TYR B 278 15.81 -27.89 -4.15
C TYR B 278 14.52 -27.13 -4.05
N ASN B 279 14.58 -25.85 -4.37
CA ASN B 279 13.42 -25.02 -4.15
C ASN B 279 12.63 -24.74 -5.44
N CYS B 280 11.33 -25.05 -5.42
CA CYS B 280 10.44 -24.60 -6.49
C CYS B 280 9.69 -23.40 -5.98
N THR B 281 9.61 -22.37 -6.80
CA THR B 281 8.90 -21.17 -6.43
C THR B 281 7.86 -20.75 -7.48
N VAL B 282 6.73 -20.18 -7.03
CA VAL B 282 5.85 -19.43 -7.92
C VAL B 282 5.94 -17.97 -7.58
N ALA B 283 6.12 -17.16 -8.61
CA ALA B 283 6.29 -15.74 -8.41
C ALA B 283 5.31 -14.93 -9.24
N SER B 284 4.59 -14.04 -8.57
CA SER B 284 3.68 -13.15 -9.23
C SER B 284 3.92 -11.72 -8.77
N THR B 285 3.49 -10.80 -9.60
CA THR B 285 3.35 -9.42 -9.19
C THR B 285 2.40 -9.34 -7.99
N GLY B 286 1.55 -10.35 -7.84
CA GLY B 286 0.62 -10.42 -6.75
C GLY B 286 1.00 -11.22 -5.51
N GLY B 287 2.13 -11.92 -5.53
CA GLY B 287 2.55 -12.68 -4.37
C GLY B 287 3.47 -13.80 -4.75
N THR B 288 4.09 -14.45 -3.76
CA THR B 288 4.95 -15.59 -4.06
C THR B 288 4.78 -16.67 -3.02
N ASP B 289 4.99 -17.91 -3.45
CA ASP B 289 5.18 -19.01 -2.54
C ASP B 289 6.27 -19.93 -3.06
N THR B 290 7.00 -20.53 -2.13
CA THR B 290 8.11 -21.41 -2.49
C THR B 290 8.09 -22.67 -1.59
N LYS B 291 8.52 -23.83 -2.10
CA LYS B 291 8.56 -25.04 -1.26
C LYS B 291 9.80 -25.85 -1.57
N SER B 292 10.36 -26.50 -0.54
CA SER B 292 11.64 -27.21 -0.66
C SER B 292 11.46 -28.71 -0.69
N PHE B 293 12.38 -29.37 -1.39
CA PHE B 293 12.45 -30.83 -1.46
C PHE B 293 13.82 -31.30 -0.97
N ILE B 294 13.87 -32.24 -0.03
CA ILE B 294 15.14 -32.83 0.37
C ILE B 294 15.14 -34.31 0.00
N LEU B 295 16.25 -34.76 -0.58
CA LEU B 295 16.39 -36.14 -1.03
C LEU B 295 16.98 -36.96 0.12
N VAL B 296 16.35 -38.09 0.42
CA VAL B 296 16.67 -38.94 1.58
C VAL B 296 16.97 -40.33 1.05
N ARG B 297 17.73 -41.16 1.76
CA ARG B 297 18.00 -42.47 1.18
C ARG B 297 16.77 -43.38 1.24
N LYS B 298 16.52 -44.04 2.35
CA LYS B 298 15.28 -44.83 2.40
C LYS B 298 14.75 -44.92 3.83
N ALA B 299 15.59 -45.44 4.72
CA ALA B 299 15.29 -45.45 6.15
C ALA B 299 14.82 -44.07 6.63
N ASP B 300 13.62 -44.10 7.24
CA ASP B 300 12.87 -42.93 7.76
C ASP B 300 12.19 -43.23 9.11
N TYR C 1 -19.92 15.64 3.25
CA TYR C 1 -18.67 15.13 2.68
C TYR C 1 -17.65 14.58 3.74
N PHE C 2 -17.15 13.35 3.52
CA PHE C 2 -15.94 12.82 4.17
C PHE C 2 -14.85 12.65 3.10
N GLY C 3 -13.60 13.01 3.41
CA GLY C 3 -12.55 12.83 2.42
C GLY C 3 -11.26 12.28 3.00
N LYS C 4 -10.63 11.38 2.26
CA LYS C 4 -9.49 10.69 2.81
C LYS C 4 -8.24 11.57 2.93
N LEU C 5 -7.57 11.44 4.07
CA LEU C 5 -6.29 12.07 4.48
C LEU C 5 -5.31 10.93 4.77
N GLU C 6 -4.41 11.01 5.74
CA GLU C 6 -3.48 9.87 5.84
C GLU C 6 -3.84 8.65 6.71
N SER C 7 -2.91 7.68 6.62
CA SER C 7 -3.07 6.36 7.19
C SER C 7 -1.90 5.98 8.06
N LYS C 8 -2.20 5.16 9.05
CA LYS C 8 -1.21 4.62 9.93
C LYS C 8 -1.47 3.11 10.06
N LEU C 9 -0.43 2.32 10.30
CA LEU C 9 -0.60 0.91 10.64
C LEU C 9 -0.67 0.82 12.12
N SER C 10 -1.52 -0.06 12.63
CA SER C 10 -1.70 -0.14 14.08
C SER C 10 -2.16 -1.49 14.53
N VAL C 11 -1.87 -1.73 15.79
CA VAL C 11 -2.23 -2.93 16.51
C VAL C 11 -3.20 -2.57 17.64
N ILE C 12 -4.45 -3.00 17.52
CA ILE C 12 -5.53 -2.63 18.45
C ILE C 12 -5.69 -3.65 19.59
N ARG C 13 -5.85 -3.18 20.82
CA ARG C 13 -6.05 -4.07 21.96
C ARG C 13 -7.19 -3.61 22.87
N ASN C 14 -7.81 -4.56 23.56
CA ASN C 14 -8.92 -4.27 24.47
C ASN C 14 -8.52 -4.18 25.94
N LEU C 15 -9.51 -3.94 26.78
CA LEU C 15 -9.34 -3.76 28.22
C LEU C 15 -8.44 -4.77 28.94
N ASN C 16 -8.30 -5.96 28.38
CA ASN C 16 -7.41 -7.01 28.90
C ASN C 16 -6.08 -7.17 28.13
N ASP C 17 -5.77 -6.20 27.26
CA ASP C 17 -4.61 -6.28 26.37
C ASP C 17 -4.71 -7.44 25.41
N GLN C 18 -5.94 -7.84 25.07
CA GLN C 18 -6.14 -8.85 24.04
C GLN C 18 -6.10 -8.15 22.69
N VAL C 19 -5.38 -8.78 21.77
CA VAL C 19 -5.13 -8.22 20.44
C VAL C 19 -6.27 -8.50 19.47
N LEU C 20 -6.67 -7.46 18.75
CA LEU C 20 -7.63 -7.58 17.68
C LEU C 20 -6.98 -8.18 16.44
N PHE C 21 -7.67 -9.13 15.81
CA PHE C 21 -7.23 -9.71 14.55
C PHE C 21 -8.44 -10.20 13.77
N ILE C 22 -8.22 -10.51 12.50
CA ILE C 22 -9.28 -11.04 11.67
C ILE C 22 -9.12 -12.56 11.53
N ASP C 23 -10.18 -13.32 11.76
CA ASP C 23 -9.99 -14.77 11.79
C ASP C 23 -10.17 -15.40 10.39
N GLN C 24 -9.88 -16.69 10.25
CA GLN C 24 -10.05 -17.41 8.99
C GLN C 24 -11.39 -17.10 8.35
N GLY C 25 -12.44 -17.03 9.17
CA GLY C 25 -13.78 -16.64 8.78
C GLY C 25 -14.13 -15.16 8.59
N ASN C 26 -13.13 -14.28 8.61
CA ASN C 26 -13.28 -12.81 8.42
C ASN C 26 -14.05 -12.16 9.58
N ARG C 27 -13.84 -12.69 10.78
CA ARG C 27 -14.57 -12.19 11.92
C ARG C 27 -13.60 -11.48 12.85
N PRO C 28 -13.90 -10.24 13.24
CA PRO C 28 -12.91 -9.61 14.12
C PRO C 28 -12.99 -10.18 15.54
N LEU C 29 -11.88 -10.73 16.03
CA LEU C 29 -11.87 -11.35 17.34
C LEU C 29 -10.73 -10.81 18.20
N PHE C 30 -10.71 -11.22 19.47
CA PHE C 30 -9.71 -10.80 20.41
C PHE C 30 -9.06 -12.03 21.04
N GLU C 31 -7.74 -11.98 21.24
CA GLU C 31 -7.02 -13.07 21.89
C GLU C 31 -5.69 -12.58 22.49
N ASP C 32 -5.24 -13.20 23.58
CA ASP C 32 -3.88 -12.97 24.12
C ASP C 32 -2.85 -13.30 23.05
N MET C 33 -1.82 -12.49 22.94
CA MET C 33 -0.76 -12.80 22.01
C MET C 33 0.51 -12.30 22.62
N THR C 34 1.59 -13.06 22.48
CA THR C 34 2.89 -12.52 22.82
C THR C 34 3.23 -11.60 21.64
N ASP C 35 4.33 -10.87 21.74
CA ASP C 35 4.75 -9.96 20.66
C ASP C 35 5.12 -10.77 19.42
N SER C 36 5.61 -11.98 19.67
CA SER C 36 5.98 -12.90 18.61
C SER C 36 4.71 -13.46 17.93
N ASP C 37 3.62 -13.61 18.70
CA ASP C 37 2.33 -14.06 18.15
C ASP C 37 1.66 -12.93 17.35
N SER C 38 1.83 -11.71 17.82
CA SER C 38 1.21 -10.55 17.17
C SER C 38 1.99 -10.23 15.90
N ARG C 39 3.28 -10.51 15.94
CA ARG C 39 4.11 -10.30 14.78
C ARG C 39 3.88 -11.36 13.71
N ASP C 40 3.77 -12.62 14.12
CA ASP C 40 3.64 -13.71 13.17
C ASP C 40 2.23 -13.99 12.70
N ASN C 41 1.23 -13.34 13.29
CA ASN C 41 -0.11 -13.46 12.73
C ASN C 41 -0.40 -12.32 11.75
N ALA C 42 0.60 -11.47 11.49
CA ALA C 42 0.47 -10.43 10.47
C ALA C 42 0.37 -11.05 9.09
N PRO C 43 -0.43 -10.47 8.18
CA PRO C 43 -1.13 -9.19 8.16
C PRO C 43 -2.47 -9.12 8.94
N ARG C 44 -2.99 -10.20 9.52
CA ARG C 44 -4.28 -10.19 10.19
C ARG C 44 -4.30 -9.40 11.48
N THR C 45 -3.13 -9.16 12.05
CA THR C 45 -3.02 -8.30 13.23
C THR C 45 -2.74 -6.83 12.95
N ILE C 46 -2.43 -6.50 11.71
CA ILE C 46 -2.04 -5.14 11.41
C ILE C 46 -3.20 -4.40 10.74
N PHE C 47 -3.84 -3.51 11.51
CA PHE C 47 -4.94 -2.70 11.01
C PHE C 47 -4.57 -1.33 10.46
N ILE C 48 -5.13 -1.00 9.30
CA ILE C 48 -4.87 0.31 8.74
C ILE C 48 -5.95 1.24 9.29
N ILE C 49 -5.50 2.33 9.90
CA ILE C 49 -6.41 3.34 10.34
C ILE C 49 -6.21 4.53 9.41
N SER C 50 -7.25 4.88 8.69
CA SER C 50 -7.21 5.96 7.71
C SER C 50 -8.05 7.09 8.20
N MET C 51 -7.53 8.29 8.08
CA MET C 51 -8.20 9.45 8.64
C MET C 51 -8.97 10.21 7.56
N TYR C 52 -10.07 10.84 7.96
CA TYR C 52 -10.89 11.58 7.02
C TYR C 52 -11.18 12.96 7.53
N LYS C 53 -11.25 13.91 6.60
CA LYS C 53 -11.81 15.21 6.89
C LYS C 53 -13.34 15.12 6.88
N ASP C 54 -13.98 15.91 7.75
CA ASP C 54 -15.43 15.92 7.89
C ASP C 54 -15.99 17.34 7.83
N SER C 55 -17.07 17.52 7.08
CA SER C 55 -17.79 18.79 6.99
C SER C 55 -18.46 19.15 8.32
N GLN C 56 -18.80 18.16 9.13
CA GLN C 56 -19.38 18.42 10.44
C GLN C 56 -18.52 17.66 11.42
N PRO C 57 -17.37 18.24 11.80
CA PRO C 57 -16.37 17.43 12.53
C PRO C 57 -16.81 17.00 13.95
N ARG C 58 -16.83 15.69 14.17
CA ARG C 58 -17.30 15.14 15.43
C ARG C 58 -16.21 14.42 16.22
N GLY C 59 -14.97 14.49 15.77
CA GLY C 59 -13.88 13.86 16.49
C GLY C 59 -12.84 13.57 15.45
N MET C 60 -12.05 12.56 15.67
CA MET C 60 -11.21 12.10 14.59
C MET C 60 -11.99 11.03 13.75
N ALA C 61 -12.42 11.42 12.55
CA ALA C 61 -13.09 10.48 11.64
C ALA C 61 -12.10 9.50 11.02
N VAL C 62 -12.44 8.20 11.04
CA VAL C 62 -11.55 7.14 10.54
C VAL C 62 -12.24 5.95 9.92
N THR C 63 -11.52 5.23 9.07
CA THR C 63 -11.96 3.90 8.69
C THR C 63 -10.97 2.93 9.24
N ILE C 64 -11.37 1.67 9.35
CA ILE C 64 -10.44 0.68 9.83
C ILE C 64 -10.34 -0.42 8.81
N SER C 65 -9.11 -0.72 8.39
CA SER C 65 -8.90 -1.79 7.42
C SER C 65 -7.80 -2.75 7.83
N VAL C 66 -7.94 -3.98 7.32
CA VAL C 66 -6.89 -4.99 7.33
C VAL C 66 -6.69 -5.54 5.95
N LYS C 67 -5.55 -6.17 5.76
CA LYS C 67 -5.26 -6.83 4.51
C LYS C 67 -5.11 -8.30 4.82
N SER C 68 -6.16 -9.09 4.57
CA SER C 68 -6.13 -10.54 4.81
C SER C 68 -5.47 -11.29 3.66
N GLU C 69 -6.23 -11.35 2.58
CA GLU C 69 -5.78 -11.81 1.27
C GLU C 69 -6.06 -10.61 0.35
N LYS C 70 -7.25 -10.05 0.54
CA LYS C 70 -7.57 -8.74 -0.01
C LYS C 70 -7.81 -7.79 1.16
N ILE C 71 -8.08 -6.53 0.84
CA ILE C 71 -8.37 -5.55 1.87
C ILE C 71 -9.83 -5.57 2.27
N SER C 72 -10.09 -5.35 3.55
CA SER C 72 -11.43 -5.40 4.09
C SER C 72 -11.62 -4.21 5.00
N THR C 73 -12.78 -3.58 4.93
CA THR C 73 -13.05 -2.44 5.77
C THR C 73 -14.18 -2.74 6.73
N LEU C 74 -14.00 -2.32 7.98
CA LEU C 74 -14.94 -2.58 9.06
C LEU C 74 -16.21 -1.79 8.84
N SER C 75 -17.35 -2.46 9.00
CA SER C 75 -18.64 -1.79 8.79
C SER C 75 -19.53 -1.97 10.00
N SER C 76 -20.39 -0.98 10.23
CA SER C 76 -21.40 -1.03 11.27
C SER C 76 -22.81 -1.26 10.72
N GLU C 77 -22.93 -1.57 9.44
CA GLU C 77 -24.24 -1.75 8.81
C GLU C 77 -25.21 -2.66 9.61
N ASN C 78 -26.43 -2.16 9.76
CA ASN C 78 -27.49 -2.82 10.52
C ASN C 78 -27.06 -3.19 11.94
N LYS C 79 -26.37 -2.23 12.56
CA LYS C 79 -25.94 -2.28 13.96
C LYS C 79 -25.08 -3.51 14.27
N ILE C 80 -24.39 -4.02 13.25
CA ILE C 80 -23.62 -5.25 13.40
C ILE C 80 -22.21 -5.05 12.90
N ILE C 81 -21.23 -5.47 13.67
CA ILE C 81 -19.84 -5.44 13.23
C ILE C 81 -19.51 -6.53 12.22
N SER C 82 -18.87 -6.16 11.11
CA SER C 82 -18.51 -7.13 10.07
C SER C 82 -17.47 -6.50 9.18
N PHE C 83 -16.72 -7.35 8.50
CA PHE C 83 -15.70 -6.91 7.54
C PHE C 83 -16.21 -6.97 6.12
N LYS C 84 -16.26 -5.81 5.45
CA LYS C 84 -16.64 -5.75 4.05
C LYS C 84 -15.38 -5.67 3.18
N GLU C 85 -15.35 -6.39 2.06
CA GLU C 85 -14.16 -6.31 1.19
C GLU C 85 -14.39 -5.15 0.27
N MET C 86 -13.67 -4.09 0.63
CA MET C 86 -13.61 -2.84 -0.08
C MET C 86 -12.39 -2.09 0.42
N ASN C 87 -11.93 -1.15 -0.41
CA ASN C 87 -10.90 -0.19 -0.05
C ASN C 87 -11.54 1.01 0.58
N PRO C 88 -10.91 1.56 1.62
CA PRO C 88 -11.39 2.86 2.10
C PRO C 88 -11.36 3.91 0.97
N PRO C 89 -12.53 4.47 0.61
CA PRO C 89 -12.66 5.35 -0.56
C PRO C 89 -12.09 6.78 -0.37
N ASP C 90 -11.66 7.34 -1.49
CA ASP C 90 -11.12 8.68 -1.53
C ASP C 90 -12.08 9.65 -0.86
N ASN C 91 -13.37 9.42 -1.06
CA ASN C 91 -14.38 10.24 -0.42
C ASN C 91 -15.74 9.57 -0.25
N ILE C 92 -16.57 10.20 0.59
CA ILE C 92 -17.87 9.68 0.94
C ILE C 92 -18.83 10.84 1.02
N LYS C 93 -19.90 10.80 0.23
CA LYS C 93 -20.79 11.95 0.04
C LYS C 93 -21.98 12.00 0.99
N ASP C 94 -21.80 11.43 2.18
CA ASP C 94 -22.85 11.37 3.22
C ASP C 94 -22.49 12.06 4.57
N THR C 95 -23.43 12.13 5.51
CA THR C 95 -23.15 12.61 6.88
C THR C 95 -22.85 11.51 7.90
N LYS C 96 -23.26 10.29 7.56
CA LYS C 96 -23.10 9.12 8.39
C LYS C 96 -22.83 8.00 7.44
N SER C 97 -21.89 7.15 7.82
CA SER C 97 -21.46 6.06 6.98
C SER C 97 -21.20 4.86 7.87
N ASP C 98 -21.67 3.68 7.47
CA ASP C 98 -21.38 2.42 8.18
C ASP C 98 -19.92 2.09 8.36
N ILE C 99 -19.07 2.71 7.55
CA ILE C 99 -17.64 2.48 7.64
C ILE C 99 -16.86 3.64 8.29
N ILE C 100 -17.53 4.74 8.65
CA ILE C 100 -16.84 5.79 9.39
C ILE C 100 -17.09 5.67 10.89
N PHE C 101 -16.05 5.93 11.69
CA PHE C 101 -16.13 5.93 13.15
C PHE C 101 -15.40 7.15 13.70
N PHE C 102 -15.82 7.69 14.83
CA PHE C 102 -15.14 8.85 15.42
C PHE C 102 -14.24 8.41 16.55
N GLN C 103 -12.94 8.63 16.40
CA GLN C 103 -12.00 8.23 17.42
C GLN C 103 -11.79 9.36 18.37
N ARG C 104 -11.97 9.06 19.64
CA ARG C 104 -11.78 10.05 20.66
C ARG C 104 -11.00 9.41 21.77
N SER C 105 -10.04 10.12 22.31
CA SER C 105 -9.30 9.60 23.45
C SER C 105 -10.15 9.78 24.68
N VAL C 106 -9.89 8.95 25.68
CA VAL C 106 -10.70 8.96 26.88
C VAL C 106 -10.10 9.87 27.93
N PRO C 107 -10.85 10.94 28.30
CA PRO C 107 -10.31 11.98 29.20
C PRO C 107 -9.64 11.43 30.47
N GLY C 108 -8.39 11.83 30.72
CA GLY C 108 -7.55 11.28 31.79
C GLY C 108 -6.62 10.14 31.41
N HIS C 109 -6.86 9.51 30.25
CA HIS C 109 -5.97 8.45 29.77
C HIS C 109 -5.82 8.62 28.25
N ASP C 110 -4.70 9.20 27.80
CA ASP C 110 -4.49 9.47 26.36
C ASP C 110 -4.25 8.22 25.51
N ASN C 111 -3.74 7.17 26.16
CA ASN C 111 -3.56 5.86 25.52
C ASN C 111 -4.90 5.18 25.11
N LYS C 112 -5.98 5.51 25.80
CA LYS C 112 -7.26 4.86 25.53
C LYS C 112 -8.12 5.59 24.51
N MET C 113 -8.78 4.82 23.67
CA MET C 113 -9.61 5.34 22.60
C MET C 113 -11.00 4.71 22.58
N GLN C 114 -12.00 5.49 22.23
CA GLN C 114 -13.31 4.92 21.97
C GLN C 114 -13.67 5.17 20.54
N PHE C 115 -14.45 4.28 19.94
CA PHE C 115 -14.79 4.46 18.54
C PHE C 115 -16.29 4.52 18.47
N GLU C 116 -16.83 5.71 18.26
CA GLU C 116 -18.25 5.85 18.08
C GLU C 116 -18.64 5.67 16.63
N SER C 117 -19.68 4.90 16.38
CA SER C 117 -20.21 4.76 15.01
C SER C 117 -20.85 6.05 14.50
N SER C 118 -20.57 6.39 13.24
CA SER C 118 -21.13 7.61 12.68
C SER C 118 -22.53 7.41 12.13
N SER C 119 -22.83 6.19 11.71
CA SER C 119 -24.17 5.91 11.24
C SER C 119 -25.12 5.76 12.41
N TYR C 120 -24.66 5.23 13.53
CA TYR C 120 -25.53 5.13 14.70
C TYR C 120 -25.00 5.91 15.90
N GLU C 121 -25.54 7.10 16.15
CA GLU C 121 -25.10 7.91 17.29
C GLU C 121 -25.36 7.16 18.58
N GLY C 122 -24.38 7.16 19.48
CA GLY C 122 -24.52 6.50 20.76
C GLY C 122 -23.93 5.10 20.86
N TYR C 123 -23.48 4.56 19.73
CA TYR C 123 -22.95 3.19 19.67
C TYR C 123 -21.45 3.17 19.46
N PHE C 124 -20.79 2.18 20.04
CA PHE C 124 -19.33 2.17 20.17
C PHE C 124 -18.77 0.80 19.87
N LEU C 125 -17.67 0.72 19.13
CA LEU C 125 -16.92 -0.52 19.10
C LEU C 125 -16.62 -1.02 20.51
N ALA C 126 -16.74 -2.33 20.70
CA ALA C 126 -16.61 -2.93 22.02
C ALA C 126 -16.08 -4.32 21.97
N SER C 127 -15.57 -4.79 23.10
CA SER C 127 -15.15 -6.16 23.24
C SER C 127 -16.15 -6.90 24.11
N GLU C 128 -16.67 -8.01 23.59
CA GLU C 128 -17.65 -8.82 24.29
C GLU C 128 -17.19 -10.25 24.32
N LYS C 129 -17.36 -10.94 25.43
CA LYS C 129 -17.16 -12.39 25.40
C LYS C 129 -18.46 -13.08 24.96
N GLU C 130 -18.40 -13.81 23.85
CA GLU C 130 -19.52 -14.62 23.42
C GLU C 130 -19.08 -16.07 23.43
N ARG C 131 -19.58 -16.79 24.44
CA ARG C 131 -19.18 -18.17 24.69
C ARG C 131 -17.67 -18.21 24.92
N ASP C 132 -16.99 -19.05 24.14
CA ASP C 132 -15.57 -19.25 24.26
C ASP C 132 -14.78 -18.17 23.49
N LEU C 133 -15.48 -17.35 22.69
CA LEU C 133 -14.76 -16.31 21.94
C LEU C 133 -14.76 -14.95 22.68
N PHE C 134 -13.91 -14.04 22.19
CA PHE C 134 -13.91 -12.60 22.54
C PHE C 134 -14.08 -11.88 21.23
N LYS C 135 -15.12 -11.08 21.10
CA LYS C 135 -15.53 -10.53 19.81
C LYS C 135 -15.61 -9.02 19.78
N LEU C 136 -15.30 -8.43 18.63
CA LEU C 136 -15.50 -7.01 18.53
C LEU C 136 -16.92 -6.73 18.04
N ILE C 137 -17.71 -6.06 18.87
CA ILE C 137 -19.09 -5.79 18.51
C ILE C 137 -19.42 -4.32 18.64
N LEU C 138 -20.65 -4.00 18.26
CA LEU C 138 -21.18 -2.67 18.39
C LEU C 138 -22.16 -2.66 19.54
N LYS C 139 -22.05 -1.69 20.42
CA LYS C 139 -23.00 -1.65 21.51
C LYS C 139 -23.24 -0.23 22.01
N LYS C 140 -24.45 0.02 22.49
CA LYS C 140 -24.84 1.26 23.16
C LYS C 140 -24.19 1.19 24.54
N GLU C 141 -23.90 2.30 25.22
CA GLU C 141 -23.05 2.17 26.42
C GLU C 141 -23.79 1.64 27.68
N ASP C 142 -23.19 0.65 28.35
CA ASP C 142 -23.82 0.05 29.54
C ASP C 142 -23.69 0.93 30.78
N GLU C 143 -22.53 0.78 31.41
CA GLU C 143 -22.16 1.49 32.60
C GLU C 143 -21.54 2.78 32.14
N LEU C 144 -21.19 3.65 33.07
CA LEU C 144 -20.54 4.89 32.73
C LEU C 144 -19.05 4.67 33.04
N GLY C 145 -18.20 4.90 32.05
CA GLY C 145 -16.79 4.57 32.19
C GLY C 145 -16.53 3.12 31.83
N ASP C 146 -17.43 2.54 31.03
CA ASP C 146 -17.35 1.14 30.65
C ASP C 146 -16.04 0.85 29.94
N ARG C 147 -15.22 0.03 30.57
CA ARG C 147 -13.89 -0.27 30.06
C ARG C 147 -13.90 -1.07 28.77
N SER C 148 -15.03 -1.72 28.48
CA SER C 148 -15.12 -2.59 27.31
C SER C 148 -15.20 -1.84 25.97
N ILE C 149 -15.58 -0.57 26.00
CA ILE C 149 -15.53 0.21 24.76
C ILE C 149 -14.29 1.09 24.62
N MET C 150 -13.29 0.88 25.47
CA MET C 150 -12.00 1.57 25.38
C MET C 150 -10.95 0.64 24.78
N PHE C 151 -10.08 1.20 23.94
CA PHE C 151 -9.03 0.44 23.26
C PHE C 151 -7.68 1.16 23.29
N THR C 152 -6.58 0.42 23.19
CA THR C 152 -5.28 1.05 22.96
C THR C 152 -4.80 0.88 21.52
N VAL C 153 -4.07 1.86 20.99
CA VAL C 153 -3.69 1.82 19.58
C VAL C 153 -2.19 2.04 19.48
N GLN C 154 -1.48 0.95 19.19
CA GLN C 154 -0.04 0.89 19.21
C GLN C 154 0.46 0.46 17.84
N ASN C 155 1.73 0.01 17.74
CA ASN C 155 2.36 -0.39 16.46
C ASN C 155 3.01 -1.78 16.53
N TYR D 1 21.58 -16.13 -5.99
CA TYR D 1 21.40 -16.25 -7.44
C TYR D 1 20.11 -15.53 -7.93
N PHE D 2 20.28 -14.68 -8.94
CA PHE D 2 19.18 -14.22 -9.80
C PHE D 2 19.47 -14.78 -11.16
N GLY D 3 18.46 -15.32 -11.85
CA GLY D 3 18.71 -15.85 -13.18
C GLY D 3 17.60 -15.45 -14.14
N LYS D 4 18.04 -15.09 -15.35
CA LYS D 4 17.12 -14.50 -16.31
C LYS D 4 16.11 -15.51 -16.91
N LEU D 5 14.86 -15.03 -16.99
CA LEU D 5 13.67 -15.69 -17.54
C LEU D 5 13.21 -14.76 -18.66
N GLU D 6 11.92 -14.70 -18.93
CA GLU D 6 11.48 -13.98 -20.11
C GLU D 6 11.34 -12.43 -19.97
N SER D 7 10.99 -11.80 -21.10
CA SER D 7 10.91 -10.37 -21.23
C SER D 7 9.56 -9.90 -21.75
N LYS D 8 9.19 -8.67 -21.39
CA LYS D 8 8.00 -8.04 -21.93
C LYS D 8 8.35 -6.65 -22.42
N LEU D 9 7.64 -6.17 -23.44
CA LEU D 9 7.74 -4.78 -23.79
C LEU D 9 6.65 -4.02 -23.08
N SER D 10 6.95 -2.83 -22.60
CA SER D 10 5.95 -2.14 -21.81
C SER D 10 6.07 -0.63 -21.80
N VAL D 11 4.94 0.01 -21.55
CA VAL D 11 4.87 1.46 -21.46
C VAL D 11 4.45 1.84 -20.04
N ILE D 12 5.38 2.46 -19.33
CA ILE D 12 5.20 2.79 -17.93
C ILE D 12 4.65 4.20 -17.76
N ARG D 13 3.68 4.38 -16.89
CA ARG D 13 3.14 5.70 -16.60
C ARG D 13 3.08 5.91 -15.12
N ASN D 14 3.12 7.18 -14.75
CA ASN D 14 3.08 7.58 -13.36
C ASN D 14 1.69 7.98 -12.92
N LEU D 15 1.59 8.40 -11.68
CA LEU D 15 0.33 8.78 -11.08
C LEU D 15 -0.54 9.75 -11.92
N ASN D 16 0.08 10.57 -12.76
CA ASN D 16 -0.64 11.52 -13.61
C ASN D 16 -0.83 11.06 -15.04
N ASP D 17 -0.58 9.78 -15.29
CA ASP D 17 -0.59 9.20 -16.64
C ASP D 17 0.45 9.88 -17.53
N GLN D 18 1.52 10.38 -16.92
CA GLN D 18 2.67 10.88 -17.68
C GLN D 18 3.56 9.69 -18.04
N VAL D 19 4.00 9.65 -19.30
CA VAL D 19 4.74 8.49 -19.83
C VAL D 19 6.22 8.60 -19.58
N LEU D 20 6.80 7.52 -19.05
CA LEU D 20 8.23 7.41 -18.86
C LEU D 20 8.99 7.25 -20.17
N PHE D 21 10.11 7.94 -20.29
CA PHE D 21 10.95 7.80 -21.46
C PHE D 21 12.37 8.18 -21.12
N ILE D 22 13.30 7.85 -22.00
CA ILE D 22 14.68 8.26 -21.84
C ILE D 22 14.95 9.47 -22.77
N ASP D 23 15.48 10.57 -22.24
CA ASP D 23 15.64 11.75 -23.13
C ASP D 23 17.02 11.71 -23.78
N GLN D 24 17.26 12.65 -24.71
CA GLN D 24 18.55 12.80 -25.37
C GLN D 24 19.73 12.75 -24.40
N GLY D 25 19.58 13.37 -23.24
CA GLY D 25 20.56 13.31 -22.19
C GLY D 25 20.67 12.08 -21.31
N ASN D 26 19.98 10.99 -21.70
CA ASN D 26 19.95 9.63 -21.05
C ASN D 26 19.33 9.66 -19.64
N ARG D 27 18.38 10.53 -19.42
CA ARG D 27 17.77 10.72 -18.09
C ARG D 27 16.33 10.22 -18.12
N PRO D 28 15.93 9.38 -17.14
CA PRO D 28 14.54 8.92 -17.21
C PRO D 28 13.59 10.06 -16.82
N LEU D 29 12.67 10.43 -17.70
CA LEU D 29 11.77 11.56 -17.44
C LEU D 29 10.33 11.18 -17.72
N PHE D 30 9.43 12.04 -17.31
CA PHE D 30 8.02 11.80 -17.46
C PHE D 30 7.38 12.93 -18.23
N GLU D 31 6.43 12.62 -19.09
CA GLU D 31 5.77 13.66 -19.88
C GLU D 31 4.39 13.22 -20.38
N ASP D 32 3.46 14.18 -20.50
CA ASP D 32 2.18 13.89 -21.17
C ASP D 32 2.50 13.48 -22.60
N MET D 33 1.82 12.47 -23.12
CA MET D 33 2.02 12.13 -24.51
C MET D 33 0.68 11.64 -24.98
N THR D 34 0.34 11.95 -26.23
CA THR D 34 -0.79 11.29 -26.85
C THR D 34 -0.31 9.89 -27.19
N ASP D 35 -1.20 9.04 -27.69
CA ASP D 35 -0.78 7.69 -28.08
C ASP D 35 0.15 7.75 -29.25
N SER D 36 -0.12 8.72 -30.11
CA SER D 36 0.67 8.95 -31.30
C SER D 36 2.02 9.53 -30.89
N ASP D 37 2.07 10.26 -29.78
CA ASP D 37 3.35 10.76 -29.30
C ASP D 37 4.15 9.63 -28.67
N SER D 38 3.45 8.68 -28.06
CA SER D 38 4.13 7.57 -27.41
C SER D 38 4.63 6.61 -28.46
N ARG D 39 3.87 6.54 -29.55
CA ARG D 39 4.20 5.67 -30.66
C ARG D 39 5.38 6.27 -31.44
N ASP D 40 5.39 7.59 -31.61
CA ASP D 40 6.47 8.18 -32.38
C ASP D 40 7.70 8.61 -31.57
N ASN D 41 7.68 8.45 -30.25
CA ASN D 41 8.91 8.62 -29.46
C ASN D 41 9.61 7.31 -29.18
N ALA D 42 9.08 6.24 -29.76
CA ALA D 42 9.71 4.92 -29.72
C ALA D 42 10.98 4.94 -30.55
N PRO D 43 12.06 4.27 -30.08
CA PRO D 43 12.20 3.32 -28.97
C PRO D 43 12.33 3.86 -27.56
N ARG D 44 12.45 5.17 -27.37
CA ARG D 44 12.71 5.74 -26.06
C ARG D 44 11.51 5.61 -25.11
N THR D 45 10.33 5.35 -25.66
CA THR D 45 9.17 5.08 -24.81
C THR D 45 8.93 3.60 -24.45
N ILE D 46 9.61 2.67 -25.13
CA ILE D 46 9.40 1.25 -24.87
C ILE D 46 10.51 0.62 -24.04
N PHE D 47 10.13 0.30 -22.81
CA PHE D 47 11.00 -0.33 -21.83
C PHE D 47 10.91 -1.86 -21.84
N ILE D 48 12.06 -2.51 -21.81
CA ILE D 48 12.10 -3.96 -21.73
C ILE D 48 12.10 -4.33 -20.28
N ILE D 49 11.09 -5.09 -19.86
CA ILE D 49 11.08 -5.54 -18.50
C ILE D 49 11.43 -7.00 -18.56
N SER D 50 12.55 -7.35 -17.93
CA SER D 50 13.07 -8.72 -17.94
C SER D 50 12.91 -9.26 -16.57
N MET D 51 12.46 -10.50 -16.52
CA MET D 51 12.10 -11.12 -15.26
C MET D 51 13.19 -12.05 -14.76
N TYR D 52 13.33 -12.15 -13.44
CA TYR D 52 14.39 -12.99 -12.90
C TYR D 52 13.90 -13.98 -11.86
N LYS D 53 14.47 -15.18 -11.88
CA LYS D 53 14.26 -16.09 -10.77
C LYS D 53 15.17 -15.67 -9.63
N ASP D 54 14.66 -15.79 -8.39
CA ASP D 54 15.39 -15.35 -7.22
C ASP D 54 15.46 -16.44 -6.16
N SER D 55 16.63 -16.60 -5.55
CA SER D 55 16.86 -17.58 -4.48
C SER D 55 16.09 -17.22 -3.22
N GLN D 56 15.84 -15.94 -3.05
CA GLN D 56 15.10 -15.45 -1.90
C GLN D 56 13.97 -14.58 -2.44
N PRO D 57 12.88 -15.22 -2.90
CA PRO D 57 11.92 -14.44 -3.71
C PRO D 57 11.17 -13.39 -2.90
N ARG D 58 11.32 -12.13 -3.28
CA ARG D 58 10.75 -11.02 -2.53
C ARG D 58 9.70 -10.29 -3.30
N GLY D 59 9.30 -10.84 -4.44
CA GLY D 59 8.26 -10.26 -5.28
C GLY D 59 8.52 -10.77 -6.68
N MET D 60 8.14 -9.99 -7.68
CA MET D 60 8.62 -10.28 -9.02
C MET D 60 9.95 -9.53 -9.26
N ALA D 61 11.06 -10.25 -9.31
CA ALA D 61 12.37 -9.65 -9.61
C ALA D 61 12.53 -9.29 -11.10
N VAL D 62 12.98 -8.07 -11.36
CA VAL D 62 13.10 -7.54 -12.72
C VAL D 62 14.22 -6.56 -12.97
N THR D 63 14.59 -6.43 -14.24
CA THR D 63 15.36 -5.31 -14.72
C THR D 63 14.53 -4.46 -15.63
N ILE D 64 14.96 -3.23 -15.83
CA ILE D 64 14.27 -2.34 -16.75
C ILE D 64 15.25 -1.76 -17.76
N SER D 65 14.98 -1.94 -19.04
CA SER D 65 15.87 -1.44 -20.06
C SER D 65 15.14 -0.69 -21.16
N VAL D 66 15.85 0.22 -21.81
CA VAL D 66 15.42 0.83 -23.08
C VAL D 66 16.52 0.68 -24.08
N LYS D 67 16.15 0.80 -25.35
CA LYS D 67 17.08 0.76 -26.45
C LYS D 67 17.03 2.15 -27.07
N SER D 68 17.95 3.02 -26.70
CA SER D 68 17.98 4.37 -27.25
C SER D 68 18.70 4.39 -28.58
N GLU D 69 20.02 4.34 -28.45
CA GLU D 69 20.97 4.17 -29.52
C GLU D 69 21.76 2.91 -29.14
N LYS D 70 22.11 2.81 -27.86
CA LYS D 70 22.51 1.51 -27.30
C LYS D 70 21.52 1.08 -26.21
N ILE D 71 21.71 -0.12 -25.66
CA ILE D 71 20.83 -0.62 -24.63
C ILE D 71 21.25 -0.06 -23.29
N SER D 72 20.27 0.33 -22.48
CA SER D 72 20.51 1.01 -21.21
C SER D 72 19.66 0.35 -20.16
N THR D 73 20.26 0.05 -19.03
CA THR D 73 19.56 -0.60 -17.94
C THR D 73 19.54 0.34 -16.73
N LEU D 74 18.39 0.41 -16.09
CA LEU D 74 18.17 1.33 -14.99
C LEU D 74 18.99 0.90 -13.77
N SER D 75 19.64 1.83 -13.07
CA SER D 75 20.38 1.45 -11.85
C SER D 75 19.99 2.33 -10.66
N SER D 76 20.07 1.76 -9.47
CA SER D 76 19.82 2.49 -8.23
C SER D 76 21.14 2.81 -7.52
N GLU D 77 22.26 2.55 -8.19
CA GLU D 77 23.58 2.68 -7.56
C GLU D 77 23.78 4.00 -6.80
N ASN D 78 24.25 3.83 -5.56
CA ASN D 78 24.43 4.94 -4.63
C ASN D 78 23.15 5.76 -4.49
N LYS D 79 22.02 5.07 -4.33
CA LYS D 79 20.75 5.72 -4.04
C LYS D 79 20.30 6.73 -5.10
N ILE D 80 20.76 6.54 -6.34
CA ILE D 80 20.45 7.51 -7.38
C ILE D 80 19.96 6.76 -8.60
N ILE D 81 18.86 7.20 -9.18
CA ILE D 81 18.41 6.63 -10.45
C ILE D 81 19.22 7.14 -11.63
N SER D 82 19.58 6.22 -12.50
CA SER D 82 20.39 6.51 -13.67
C SER D 82 20.30 5.36 -14.67
N PHE D 83 20.61 5.63 -15.94
CA PHE D 83 20.68 4.61 -16.97
C PHE D 83 22.14 4.18 -17.26
N LYS D 84 22.46 2.91 -17.04
CA LYS D 84 23.80 2.39 -17.37
C LYS D 84 23.74 1.66 -18.72
N GLU D 85 24.77 1.84 -19.56
CA GLU D 85 24.76 1.16 -20.85
C GLU D 85 25.29 -0.24 -20.58
N MET D 86 24.35 -1.16 -20.44
CA MET D 86 24.65 -2.56 -20.24
C MET D 86 23.43 -3.36 -20.61
N ASN D 87 23.65 -4.62 -20.92
CA ASN D 87 22.57 -5.57 -21.17
C ASN D 87 22.18 -6.23 -19.89
N PRO D 88 20.89 -6.52 -19.77
CA PRO D 88 20.48 -7.38 -18.67
C PRO D 88 21.28 -8.70 -18.68
N PRO D 89 21.94 -9.03 -17.57
CA PRO D 89 22.74 -10.25 -17.56
C PRO D 89 21.95 -11.56 -17.41
N ASP D 90 22.50 -12.64 -17.95
CA ASP D 90 21.97 -14.00 -17.81
C ASP D 90 21.77 -14.37 -16.36
N ASN D 91 22.72 -13.98 -15.53
CA ASN D 91 22.63 -14.23 -14.11
C ASN D 91 23.42 -13.23 -13.25
N ILE D 92 23.12 -13.23 -11.96
CA ILE D 92 23.70 -12.32 -10.99
C ILE D 92 23.90 -13.12 -9.74
N LYS D 93 25.14 -13.18 -9.24
CA LYS D 93 25.50 -14.06 -8.13
C LYS D 93 25.45 -13.42 -6.73
N ASP D 94 24.66 -12.37 -6.57
CA ASP D 94 24.53 -11.67 -5.30
C ASP D 94 23.10 -11.82 -4.75
N THR D 95 22.83 -11.28 -3.56
CA THR D 95 21.46 -11.20 -3.02
C THR D 95 20.80 -9.86 -3.27
N LYS D 96 21.60 -8.91 -3.72
CA LYS D 96 21.16 -7.56 -3.95
C LYS D 96 21.85 -7.06 -5.22
N SER D 97 21.14 -6.33 -6.07
CA SER D 97 21.79 -5.75 -7.24
C SER D 97 21.20 -4.40 -7.60
N ASP D 98 22.06 -3.43 -7.90
CA ASP D 98 21.65 -2.11 -8.35
C ASP D 98 20.68 -2.06 -9.52
N ILE D 99 20.65 -3.14 -10.29
CA ILE D 99 19.79 -3.18 -11.44
C ILE D 99 18.53 -4.09 -11.24
N ILE D 100 18.40 -4.75 -10.08
CA ILE D 100 17.21 -5.54 -9.77
C ILE D 100 16.20 -4.76 -8.91
N PHE D 101 14.92 -4.84 -9.27
CA PHE D 101 13.83 -4.20 -8.53
C PHE D 101 12.74 -5.22 -8.36
N PHE D 102 12.02 -5.13 -7.26
CA PHE D 102 10.93 -6.03 -6.99
C PHE D 102 9.61 -5.38 -7.38
N GLN D 103 8.92 -6.01 -8.31
CA GLN D 103 7.66 -5.47 -8.77
C GLN D 103 6.58 -6.12 -7.96
N ARG D 104 5.73 -5.29 -7.37
CA ARG D 104 4.59 -5.79 -6.64
C ARG D 104 3.38 -4.97 -6.98
N SER D 105 2.22 -5.62 -7.04
CA SER D 105 0.99 -4.88 -7.18
C SER D 105 0.57 -4.33 -5.83
N VAL D 106 -0.19 -3.26 -5.89
CA VAL D 106 -0.62 -2.53 -4.72
C VAL D 106 -1.98 -3.09 -4.30
N PRO D 107 -2.05 -3.68 -3.10
CA PRO D 107 -3.27 -4.31 -2.58
C PRO D 107 -4.47 -3.40 -2.69
N GLY D 108 -5.55 -3.90 -3.28
CA GLY D 108 -6.71 -3.12 -3.60
C GLY D 108 -6.71 -2.51 -4.99
N HIS D 109 -5.54 -2.43 -5.62
CA HIS D 109 -5.45 -1.90 -6.99
C HIS D 109 -4.48 -2.76 -7.80
N ASP D 110 -4.98 -3.74 -8.55
CA ASP D 110 -4.09 -4.64 -9.30
C ASP D 110 -3.43 -3.99 -10.49
N ASN D 111 -4.07 -2.97 -11.04
CA ASN D 111 -3.46 -2.21 -12.12
C ASN D 111 -2.18 -1.46 -11.67
N LYS D 112 -2.06 -1.17 -10.39
CA LYS D 112 -0.93 -0.38 -9.90
C LYS D 112 0.30 -1.19 -9.45
N MET D 113 1.48 -0.69 -9.80
CA MET D 113 2.74 -1.36 -9.47
C MET D 113 3.74 -0.44 -8.78
N GLN D 114 4.48 -1.00 -7.83
CA GLN D 114 5.59 -0.31 -7.18
C GLN D 114 6.89 -1.04 -7.46
N PHE D 115 8.01 -0.33 -7.48
CA PHE D 115 9.27 -1.02 -7.73
C PHE D 115 10.26 -0.73 -6.62
N GLU D 116 10.43 -1.70 -5.74
CA GLU D 116 11.40 -1.58 -4.67
C GLU D 116 12.77 -1.94 -5.16
N SER D 117 13.75 -1.14 -4.76
CA SER D 117 15.16 -1.43 -5.00
C SER D 117 15.61 -2.70 -4.26
N SER D 118 16.37 -3.57 -4.91
CA SER D 118 16.83 -4.78 -4.22
C SER D 118 18.11 -4.51 -3.42
N SER D 119 18.90 -3.54 -3.88
CA SER D 119 20.09 -3.14 -3.16
C SER D 119 19.76 -2.24 -1.96
N TYR D 120 18.72 -1.39 -2.07
CA TYR D 120 18.32 -0.59 -0.93
C TYR D 120 16.90 -0.88 -0.49
N GLU D 121 16.77 -1.68 0.54
CA GLU D 121 15.49 -2.08 1.10
C GLU D 121 14.78 -0.84 1.62
N GLY D 122 13.51 -0.66 1.32
CA GLY D 122 12.79 0.51 1.78
C GLY D 122 12.69 1.64 0.76
N TYR D 123 13.37 1.48 -0.36
CA TYR D 123 13.39 2.53 -1.37
C TYR D 123 12.64 2.10 -2.62
N PHE D 124 12.02 3.06 -3.30
CA PHE D 124 11.04 2.74 -4.34
C PHE D 124 11.23 3.67 -5.53
N LEU D 125 11.12 3.15 -6.74
CA LEU D 125 10.96 4.04 -7.89
C LEU D 125 9.80 5.02 -7.65
N ALA D 126 10.00 6.28 -8.03
CA ALA D 126 9.05 7.36 -7.74
C ALA D 126 9.09 8.48 -8.78
N SER D 127 8.01 9.25 -8.85
CA SER D 127 7.92 10.39 -9.75
C SER D 127 8.02 11.66 -8.93
N GLU D 128 8.96 12.51 -9.32
CA GLU D 128 9.21 13.75 -8.60
C GLU D 128 9.28 14.90 -9.60
N LYS D 129 8.68 16.03 -9.27
CA LYS D 129 8.87 17.23 -10.08
C LYS D 129 10.10 18.00 -9.61
N GLU D 130 11.07 18.14 -10.53
CA GLU D 130 12.29 18.95 -10.32
C GLU D 130 12.35 20.06 -11.38
N ARG D 131 12.16 21.30 -10.93
CA ARG D 131 12.03 22.46 -11.79
C ARG D 131 10.87 22.27 -12.75
N ASP D 132 11.21 22.40 -14.03
CA ASP D 132 10.29 22.23 -15.14
C ASP D 132 10.11 20.76 -15.54
N LEU D 133 10.93 19.91 -14.93
CA LEU D 133 10.96 18.50 -15.28
C LEU D 133 10.21 17.60 -14.30
N PHE D 134 9.79 16.47 -14.86
CA PHE D 134 9.23 15.36 -14.10
C PHE D 134 10.21 14.21 -14.26
N LYS D 135 10.70 13.70 -13.14
CA LYS D 135 11.88 12.87 -13.12
C LYS D 135 11.58 11.54 -12.42
N LEU D 136 12.20 10.46 -12.87
CA LEU D 136 12.11 9.21 -12.11
C LEU D 136 13.25 9.12 -11.12
N ILE D 137 12.91 9.05 -9.84
CA ILE D 137 13.92 9.03 -8.78
C ILE D 137 13.74 7.86 -7.84
N LEU D 138 14.66 7.76 -6.89
CA LEU D 138 14.58 6.75 -5.85
C LEU D 138 14.23 7.44 -4.57
N LYS D 139 13.25 6.93 -3.86
CA LYS D 139 12.92 7.55 -2.59
C LYS D 139 12.40 6.55 -1.56
N LYS D 140 12.70 6.86 -0.30
CA LYS D 140 12.20 6.10 0.82
C LYS D 140 10.74 6.51 0.98
N GLU D 141 9.89 5.62 1.49
CA GLU D 141 8.42 5.86 1.45
C GLU D 141 7.91 6.83 2.52
N ASP D 142 7.27 7.94 2.14
CA ASP D 142 6.85 8.82 3.20
C ASP D 142 5.35 8.92 3.11
N GLU D 143 4.70 7.86 3.57
CA GLU D 143 3.29 7.81 3.96
C GLU D 143 2.84 6.44 3.60
N LEU D 144 1.69 6.08 4.13
CA LEU D 144 1.20 4.83 3.71
C LEU D 144 0.23 5.13 2.54
N GLY D 145 0.51 4.53 1.39
CA GLY D 145 -0.26 4.82 0.18
C GLY D 145 0.17 5.97 -0.72
N ASP D 146 1.45 6.34 -0.70
CA ASP D 146 2.00 7.44 -1.51
C ASP D 146 1.80 7.15 -3.00
N ARG D 147 1.02 7.98 -3.68
CA ARG D 147 0.72 7.71 -5.09
C ARG D 147 1.92 7.90 -6.03
N SER D 148 2.95 8.60 -5.58
CA SER D 148 4.10 8.89 -6.42
C SER D 148 5.00 7.68 -6.76
N ILE D 149 4.95 6.65 -5.92
CA ILE D 149 5.65 5.38 -6.18
C ILE D 149 4.78 4.32 -6.83
N MET D 150 3.60 4.70 -7.31
CA MET D 150 2.74 3.79 -8.04
C MET D 150 2.81 4.01 -9.54
N PHE D 151 2.85 2.93 -10.30
CA PHE D 151 2.92 3.03 -11.75
C PHE D 151 1.96 2.06 -12.46
N THR D 152 1.57 2.38 -13.67
CA THR D 152 0.88 1.40 -14.48
C THR D 152 1.80 0.87 -15.55
N VAL D 153 1.61 -0.39 -15.94
CA VAL D 153 2.48 -1.02 -16.92
C VAL D 153 1.64 -1.65 -18.02
N GLN D 154 1.66 -1.01 -19.19
CA GLN D 154 0.83 -1.35 -20.35
C GLN D 154 1.66 -1.66 -21.61
N ASN D 155 1.07 -1.53 -22.78
CA ASN D 155 1.83 -1.84 -24.00
C ASN D 155 1.77 -0.72 -25.03
C1 NAG E . 11.68 -24.43 35.43
C2 NAG E . 12.67 -24.67 34.25
C3 NAG E . 14.11 -24.77 34.72
C4 NAG E . 14.42 -23.70 35.78
C5 NAG E . 13.28 -23.59 36.77
C6 NAG E . 13.43 -22.47 37.77
C7 NAG E . 12.08 -26.16 32.31
C8 NAG E . 11.74 -27.57 31.88
N2 NAG E . 12.28 -26.00 33.62
O3 NAG E . 14.98 -24.67 33.60
O4 NAG E . 15.58 -24.07 36.51
O5 NAG E . 12.14 -23.28 36.02
O6 NAG E . 12.83 -21.27 37.27
O7 NAG E . 12.14 -25.24 31.51
C1 NAG F . 11.75 -4.65 25.62
C2 NAG F . 12.01 -5.38 24.27
C3 NAG F . 13.20 -4.76 23.53
C4 NAG F . 13.03 -3.26 23.39
C5 NAG F . 12.90 -2.64 24.77
C6 NAG F . 12.71 -1.15 24.73
C7 NAG F . 11.61 -7.75 23.82
C8 NAG F . 11.95 -9.16 24.20
N2 NAG F . 12.24 -6.78 24.49
O3 NAG F . 13.25 -5.35 22.24
O4 NAG F . 14.11 -2.68 22.65
O5 NAG F . 11.73 -3.20 25.43
O6 NAG F . 11.60 -0.84 23.91
O7 NAG F . 10.79 -7.48 22.94
C1 NAG G . -0.06 32.02 8.28
C2 NAG G . 1.27 32.56 7.64
C3 NAG G . 2.45 32.42 8.60
C4 NAG G . 2.10 32.83 10.03
C5 NAG G . 0.87 32.10 10.47
C6 NAG G . 0.45 32.49 11.85
C7 NAG G . 1.55 32.35 5.19
C8 NAG G . 1.90 31.41 4.08
N2 NAG G . 1.56 31.82 6.43
O3 NAG G . 3.52 33.24 8.12
O4 NAG G . 3.17 32.50 10.91
O5 NAG G . -0.18 32.52 9.60
O6 NAG G . -0.06 33.82 11.85
O7 NAG G . 1.24 33.52 4.99
C1 NAG H . -19.06 24.41 7.35
C2 NAG H . -20.30 25.11 8.06
C3 NAG H . -21.59 24.74 7.30
C4 NAG H . -21.46 24.96 5.80
C5 NAG H . -20.30 24.12 5.32
C6 NAG H . -20.07 24.16 3.83
C7 NAG H . -20.74 25.37 10.48
C8 NAG H . -20.85 24.65 11.79
N2 NAG H . -20.39 24.63 9.43
O3 NAG H . -22.79 25.30 7.83
O4 NAG H . -22.66 24.57 5.14
O5 NAG H . -19.13 24.65 5.94
O6 NAG H . -18.98 25.02 3.53
O7 NAG H . -20.94 26.58 10.39
C1 NAG I . -12.64 24.32 -34.02
C2 NAG I . -13.88 25.11 -34.54
C3 NAG I . -14.23 24.84 -35.99
C4 NAG I . -12.98 24.87 -36.86
C5 NAG I . -11.95 23.95 -36.26
C6 NAG I . -10.69 23.89 -37.06
C7 NAG I . -15.84 25.64 -33.11
C8 NAG I . -16.96 25.08 -32.29
N2 NAG I . -15.04 24.74 -33.69
O3 NAG I . -15.07 25.92 -36.35
O4 NAG I . -13.28 24.42 -38.18
O5 NAG I . -11.60 24.49 -35.00
O6 NAG I . -9.85 24.99 -36.70
O7 NAG I . -15.65 26.87 -33.22
C1 NAG J . -9.77 3.64 -29.33
C2 NAG J . -8.67 3.70 -30.40
C3 NAG J . -9.01 2.80 -31.55
C4 NAG J . -9.18 1.37 -31.10
C5 NAG J . -10.30 1.29 -30.06
C6 NAG J . -10.48 -0.10 -29.50
C7 NAG J . -7.27 5.61 -31.02
C8 NAG J . -7.25 7.00 -31.56
N2 NAG J . -8.47 5.05 -30.88
O3 NAG J . -7.93 2.88 -32.47
O4 NAG J . -9.43 0.55 -32.23
O5 NAG J . -10.04 2.19 -28.96
O6 NAG J . -9.31 -0.89 -29.53
O7 NAG J . -6.23 5.03 -30.69
C1 NAG K . 2.44 -33.01 -11.62
C2 NAG K . 2.13 -33.93 -12.79
C3 NAG K . 0.92 -33.45 -13.60
C4 NAG K . -0.21 -32.88 -12.74
C5 NAG K . 0.29 -32.05 -11.58
C6 NAG K . -0.81 -31.78 -10.61
C7 NAG K . 3.89 -35.14 -13.98
C8 NAG K . 5.07 -35.03 -14.91
N2 NAG K . 3.30 -34.00 -13.67
O3 NAG K . 0.38 -34.60 -14.23
O4 NAG K . -1.04 -32.06 -13.58
O5 NAG K . 1.24 -32.82 -10.86
O6 NAG K . -1.09 -32.97 -9.91
O7 NAG K . 3.49 -36.22 -13.56
C1 NAG L . 15.74 -23.06 -0.27
C2 NAG L . 17.14 -22.44 -0.45
C3 NAG L . 17.82 -22.12 0.87
C4 NAG L . 16.92 -21.28 1.76
C5 NAG L . 15.65 -22.08 2.02
C6 NAG L . 14.68 -21.35 2.95
C7 NAG L . 18.40 -23.19 -2.46
C8 NAG L . 19.27 -24.27 -3.02
N2 NAG L . 17.98 -23.38 -1.20
O3 NAG L . 19.01 -21.41 0.58
O4 NAG L . 17.60 -20.98 2.98
O5 NAG L . 15.00 -22.29 0.77
O6 NAG L . 14.03 -20.26 2.32
O7 NAG L . 18.08 -22.19 -3.12
#